data_5CKX
#
_entry.id   5CKX
#
_cell.length_a   203.397
_cell.length_b   203.397
_cell.length_c   67.049
_cell.angle_alpha   90.00
_cell.angle_beta   90.00
_cell.angle_gamma   120.00
#
_symmetry.space_group_name_H-M   'P 32 2 1'
#
loop_
_entity.id
_entity.type
_entity.pdbx_description
1 polymer 'Phospho-2-dehydro-3-deoxyheptonate aldolase AroG'
2 polymer 'Intracellular chorismate mutase'
3 non-polymer 'MANGANESE (II) ION'
4 non-polymer GLYCEROL
5 non-polymer 'CHLORIDE ION'
6 non-polymer 'SULFATE ION'
7 non-polymer PHENYLALANINE
8 non-polymer TYROSINE
9 non-polymer '8-HYDROXY-2-OXA-BICYCLO[3.3.1]NON-6-ENE-3,5-DICARBOXYLIC ACID'
10 water water
#
loop_
_entity_poly.entity_id
_entity_poly.type
_entity_poly.pdbx_seq_one_letter_code
_entity_poly.pdbx_strand_id
1 'polypeptide(L)'
;MHHHHHHSSGMNWTVDIPIDQLPSLPPLPTDLRTRLDAALAKPAAQQPTWPADQALAMRTVLESVPPVTVPSEIVRLQEQ
LAQVAKGEAFLLQGGDCAETFMDNTEPHIRGNVRALLQMAVVLTYGASMPVVKVARIAGQYAKPRSADIDALGLRSYRGD
MINGFAPDAAAREHDPSRLVRAYANASAAMNLVRALTSSGLASLHLVHDWNREFVRTSPAGARYEALATEIDRGLRFMSA
CGVADRNLQTAEIYASHEALVLDYERAMLRLSDGDDGEPQLFDLSAHTVWIGERTRQIDGAHIAFAQVIANPVGVKLGPN
MTPELAVEYVERLDPHNKPGRLTLVSRMGNHKVRDLLPPIVEKVQATGHQVIWQCDPMHGNTHESSTGFKTRHFDRIVDE
VQGFFEVHRALGTHPGGIHVEITGENVTECLGGAQDISETDLAGRYETACDPRLNTQQSLELAFLVAEMLRD
;
A,B
2 'polypeptide(L)'
;MNLEMLESQPVPEIDTLREEIDRLDAEILALVKRRAEVSKAIGKARMASGGTRLVHSREMKVIERYSELGPDGKDLAILL
LRLGRGRLGH
;
C,D
#
# COMPACT_ATOMS: atom_id res chain seq x y z
N TRP A 13 10.23 -27.69 11.91
CA TRP A 13 9.28 -26.73 12.48
C TRP A 13 9.56 -25.32 11.96
N THR A 14 10.79 -25.08 11.49
CA THR A 14 11.19 -23.76 11.03
C THR A 14 12.11 -23.91 9.82
N VAL A 15 12.38 -22.77 9.18
CA VAL A 15 13.17 -22.74 7.95
C VAL A 15 13.99 -21.46 7.93
N ASP A 16 15.22 -21.56 7.45
CA ASP A 16 16.14 -20.42 7.37
C ASP A 16 15.97 -19.69 6.04
N ILE A 17 15.85 -18.37 6.10
CA ILE A 17 15.71 -17.52 4.94
C ILE A 17 17.01 -16.72 4.78
N PRO A 18 17.81 -16.98 3.75
CA PRO A 18 19.13 -16.34 3.64
C PRO A 18 19.08 -14.82 3.54
N ILE A 19 20.25 -14.22 3.72
CA ILE A 19 20.47 -12.78 3.58
C ILE A 19 21.76 -12.59 2.80
N ASP A 20 21.91 -11.40 2.20
CA ASP A 20 23.13 -11.06 1.48
C ASP A 20 23.74 -9.74 1.97
N PRO A 26 25.59 5.23 0.22
CA PRO A 26 24.27 5.68 0.66
C PRO A 26 24.12 5.92 2.17
N PRO A 27 25.16 6.40 2.84
CA PRO A 27 25.04 6.65 4.28
C PRO A 27 24.39 8.00 4.56
N LEU A 28 23.96 8.16 5.80
CA LEU A 28 23.37 9.42 6.22
C LEU A 28 24.44 10.49 6.38
N PRO A 29 24.07 11.77 6.29
CA PRO A 29 25.07 12.84 6.44
C PRO A 29 25.85 12.72 7.74
N THR A 30 27.13 13.10 7.68
CA THR A 30 27.98 12.99 8.86
C THR A 30 27.55 13.94 9.97
N ASP A 31 26.98 15.10 9.62
CA ASP A 31 26.56 16.03 10.68
C ASP A 31 25.34 15.50 11.43
N LEU A 32 24.51 14.69 10.78
CA LEU A 32 23.36 14.09 11.42
C LEU A 32 23.72 12.83 12.20
N ARG A 33 24.71 12.08 11.73
CA ARG A 33 25.19 10.93 12.49
C ARG A 33 25.87 11.39 13.78
N THR A 34 26.73 12.40 13.70
CA THR A 34 27.33 12.96 14.90
C THR A 34 26.26 13.34 15.91
N ARG A 35 25.26 14.11 15.48
CA ARG A 35 24.12 14.41 16.34
C ARG A 35 23.47 13.13 16.85
N LEU A 36 23.20 12.19 15.94
CA LEU A 36 22.47 10.99 16.30
C LEU A 36 23.30 10.10 17.22
N ASP A 37 24.52 9.78 16.81
CA ASP A 37 25.41 8.95 17.62
C ASP A 37 25.56 9.49 19.03
N ALA A 38 25.50 10.81 19.19
CA ALA A 38 25.58 11.40 20.52
C ALA A 38 24.28 11.17 21.28
N ALA A 39 23.14 11.42 20.64
CA ALA A 39 21.85 11.16 21.27
C ALA A 39 21.73 9.70 21.70
N LEU A 40 22.11 8.77 20.82
CA LEU A 40 22.03 7.35 21.14
C LEU A 40 23.10 6.91 22.13
N ALA A 41 24.07 7.77 22.44
CA ALA A 41 25.03 7.46 23.50
C ALA A 41 24.40 7.53 24.88
N LYS A 42 23.20 8.09 25.01
CA LYS A 42 22.51 8.13 26.28
C LYS A 42 22.07 6.71 26.65
N PRO A 43 21.67 6.49 27.90
CA PRO A 43 21.39 5.11 28.34
C PRO A 43 19.97 4.69 27.96
N ALA A 44 19.85 3.49 27.42
CA ALA A 44 18.59 2.98 26.90
C ALA A 44 18.10 1.84 27.78
N ALA A 45 16.92 2.00 28.35
CA ALA A 45 16.28 0.93 29.10
C ALA A 45 15.77 -0.17 28.17
N GLN A 46 15.48 -1.32 28.78
CA GLN A 46 14.65 -2.35 28.15
C GLN A 46 15.17 -2.78 26.78
N GLN A 47 16.49 -2.79 26.59
CA GLN A 47 17.00 -3.09 25.26
C GLN A 47 17.37 -4.56 25.14
N PRO A 48 17.38 -5.11 23.92
CA PRO A 48 17.82 -6.49 23.75
C PRO A 48 19.28 -6.65 24.16
N THR A 49 19.64 -7.89 24.50
CA THR A 49 21.00 -8.24 24.90
C THR A 49 21.70 -9.09 23.84
N TRP A 50 21.48 -8.76 22.56
CA TRP A 50 22.15 -9.51 21.53
C TRP A 50 23.48 -8.87 21.16
N PRO A 51 24.43 -9.65 20.65
CA PRO A 51 25.74 -9.10 20.31
C PRO A 51 25.62 -7.96 19.31
N ALA A 52 26.39 -6.89 19.58
CA ALA A 52 26.28 -5.67 18.79
C ALA A 52 26.74 -5.87 17.35
N ASP A 53 27.66 -6.80 17.11
CA ASP A 53 28.11 -7.03 15.74
C ASP A 53 27.00 -7.61 14.89
N GLN A 54 26.27 -8.59 15.43
CA GLN A 54 25.13 -9.13 14.70
C GLN A 54 24.06 -8.07 14.50
N ALA A 55 23.67 -7.40 15.59
CA ALA A 55 22.78 -6.26 15.48
C ALA A 55 23.21 -5.33 14.37
N LEU A 56 24.51 -5.02 14.31
CA LEU A 56 25.02 -4.13 13.28
C LEU A 56 24.79 -4.70 11.88
N ALA A 57 24.94 -6.02 11.74
CA ALA A 57 24.68 -6.63 10.44
C ALA A 57 23.21 -6.49 10.05
N MET A 58 22.30 -6.84 10.96
CA MET A 58 20.88 -6.71 10.67
C MET A 58 20.48 -5.26 10.45
N ARG A 59 21.11 -4.32 11.16
CA ARG A 59 20.81 -2.91 10.92
C ARG A 59 21.22 -2.49 9.52
N THR A 60 22.40 -2.92 9.09
CA THR A 60 22.86 -2.61 7.73
C THR A 60 21.90 -3.14 6.69
N VAL A 61 21.24 -4.26 6.99
CA VAL A 61 20.19 -4.78 6.12
C VAL A 61 19.02 -3.80 6.09
N LEU A 62 18.45 -3.53 7.26
CA LEU A 62 17.30 -2.63 7.35
C LEU A 62 17.60 -1.23 6.84
N GLU A 63 18.87 -0.82 6.81
CA GLU A 63 19.24 0.50 6.31
C GLU A 63 18.95 0.68 4.81
N SER A 64 18.63 -0.40 4.10
CA SER A 64 18.48 -0.35 2.65
C SER A 64 17.13 -0.82 2.14
N VAL A 65 16.24 -1.29 3.02
CA VAL A 65 14.98 -1.87 2.55
C VAL A 65 13.99 -0.76 2.20
N PRO A 66 13.01 -1.03 1.34
CA PRO A 66 11.90 -0.08 1.17
C PRO A 66 11.29 0.29 2.51
N PRO A 67 11.02 1.57 2.75
CA PRO A 67 10.47 1.97 4.03
C PRO A 67 9.01 1.60 4.17
N VAL A 68 8.59 1.36 5.41
CA VAL A 68 7.20 1.02 5.70
C VAL A 68 6.29 2.21 5.41
N THR A 69 6.78 3.43 5.61
CA THR A 69 6.04 4.65 5.32
C THR A 69 6.94 5.59 4.53
N VAL A 70 6.38 6.73 4.12
CA VAL A 70 7.16 7.75 3.42
C VAL A 70 6.95 9.10 4.10
N PRO A 71 7.90 10.02 3.94
CA PRO A 71 7.79 11.31 4.65
C PRO A 71 6.53 12.07 4.36
N SER A 72 6.06 12.07 3.11
CA SER A 72 4.88 12.86 2.77
C SER A 72 3.66 12.44 3.60
N GLU A 73 3.59 11.18 4.02
CA GLU A 73 2.48 10.74 4.86
C GLU A 73 2.64 11.22 6.30
N ILE A 74 3.89 11.34 6.76
CA ILE A 74 4.16 11.84 8.11
C ILE A 74 3.90 13.34 8.17
N VAL A 75 4.45 14.08 7.20
CA VAL A 75 4.14 15.51 7.09
C VAL A 75 2.63 15.70 7.04
N ARG A 76 1.94 14.84 6.29
CA ARG A 76 0.49 14.90 6.19
C ARG A 76 -0.17 14.58 7.53
N LEU A 77 0.31 13.55 8.23
CA LEU A 77 -0.22 13.25 9.55
C LEU A 77 0.04 14.39 10.52
N GLN A 78 1.26 14.92 10.51
CA GLN A 78 1.57 16.07 11.35
C GLN A 78 0.56 17.20 11.14
N GLU A 79 0.14 17.41 9.90
CA GLU A 79 -0.88 18.42 9.62
C GLU A 79 -2.22 18.04 10.24
N GLN A 80 -2.64 16.78 10.10
CA GLN A 80 -3.92 16.36 10.65
C GLN A 80 -3.90 16.36 12.18
N LEU A 81 -2.75 16.04 12.78
CA LEU A 81 -2.67 16.04 14.23
C LEU A 81 -2.63 17.46 14.78
N ALA A 82 -2.05 18.40 14.03
CA ALA A 82 -2.07 19.79 14.47
C ALA A 82 -3.49 20.30 14.66
N GLN A 83 -4.44 19.76 13.91
CA GLN A 83 -5.83 20.15 14.09
C GLN A 83 -6.44 19.50 15.32
N VAL A 84 -5.99 18.29 15.67
CA VAL A 84 -6.41 17.69 16.93
C VAL A 84 -6.01 18.58 18.09
N ALA A 85 -4.73 18.93 18.16
CA ALA A 85 -4.25 19.84 19.20
C ALA A 85 -5.10 21.10 19.23
N LYS A 86 -5.31 21.72 18.07
CA LYS A 86 -6.05 22.98 17.99
C LYS A 86 -7.54 22.83 18.30
N GLY A 87 -8.01 21.66 18.70
CA GLY A 87 -9.39 21.51 19.14
C GLY A 87 -10.38 21.11 18.06
N GLU A 88 -9.94 20.99 16.82
CA GLU A 88 -10.84 20.78 15.69
C GLU A 88 -10.68 19.41 15.04
N ALA A 89 -10.25 18.41 15.82
CA ALA A 89 -10.24 17.02 15.36
C ALA A 89 -9.95 16.12 16.55
N PHE A 90 -10.30 14.84 16.40
CA PHE A 90 -10.20 13.85 17.47
C PHE A 90 -9.30 12.71 17.02
N LEU A 91 -8.43 12.25 17.93
CA LEU A 91 -7.48 11.19 17.63
C LEU A 91 -8.03 9.84 18.09
N LEU A 92 -8.13 8.88 17.17
CA LEU A 92 -8.51 7.51 17.48
C LEU A 92 -7.31 6.62 17.20
N GLN A 93 -6.73 6.06 18.26
CA GLN A 93 -5.56 5.20 18.16
C GLN A 93 -5.88 3.87 18.82
N GLY A 94 -5.65 2.78 18.10
CA GLY A 94 -6.04 1.48 18.61
C GLY A 94 -5.44 0.36 17.79
N GLY A 95 -5.63 -0.86 18.29
CA GLY A 95 -5.09 -2.05 17.67
C GLY A 95 -4.62 -3.04 18.73
N ASP A 96 -3.96 -4.09 18.26
CA ASP A 96 -3.47 -5.12 19.17
C ASP A 96 -2.56 -4.53 20.22
N CYS A 97 -2.51 -5.19 21.38
CA CYS A 97 -1.46 -4.87 22.35
C CYS A 97 -0.11 -5.36 21.86
N ALA A 98 -0.02 -6.65 21.54
CA ALA A 98 1.22 -7.26 21.07
C ALA A 98 0.93 -7.95 19.75
N GLU A 99 1.49 -7.43 18.67
CA GLU A 99 1.48 -8.14 17.41
C GLU A 99 2.44 -9.31 17.48
N THR A 100 2.03 -10.44 16.89
CA THR A 100 2.87 -11.61 16.76
C THR A 100 2.99 -11.97 15.29
N PHE A 101 4.15 -12.48 14.91
CA PHE A 101 4.39 -12.84 13.52
C PHE A 101 3.36 -13.87 13.04
N MET A 102 2.95 -14.78 13.91
CA MET A 102 2.13 -15.89 13.47
C MET A 102 0.63 -15.58 13.51
N ASP A 103 0.23 -14.45 14.08
CA ASP A 103 -1.13 -13.93 13.91
C ASP A 103 -1.19 -12.79 12.90
N ASN A 104 -0.07 -12.44 12.27
CA ASN A 104 -0.01 -11.37 11.27
C ASN A 104 -0.56 -11.92 9.96
N THR A 105 -1.86 -12.14 9.95
CA THR A 105 -2.55 -12.77 8.84
C THR A 105 -3.59 -11.82 8.25
N GLU A 106 -4.05 -12.14 7.05
CA GLU A 106 -5.08 -11.34 6.41
C GLU A 106 -6.31 -11.19 7.28
N PRO A 107 -6.95 -12.27 7.75
CA PRO A 107 -8.16 -12.10 8.56
C PRO A 107 -7.94 -11.25 9.79
N HIS A 108 -6.81 -11.42 10.48
CA HIS A 108 -6.59 -10.66 11.70
C HIS A 108 -6.42 -9.18 11.40
N ILE A 109 -5.50 -8.85 10.48
CA ILE A 109 -5.34 -7.47 10.02
C ILE A 109 -6.68 -6.91 9.54
N ARG A 110 -7.43 -7.72 8.79
CA ARG A 110 -8.65 -7.24 8.16
C ARG A 110 -9.68 -6.84 9.21
N GLY A 111 -9.81 -7.61 10.28
CA GLY A 111 -10.79 -7.30 11.31
C GLY A 111 -10.38 -6.21 12.26
N ASN A 112 -9.07 -5.96 12.40
CA ASN A 112 -8.63 -4.82 13.18
C ASN A 112 -8.81 -3.53 12.40
N VAL A 113 -8.50 -3.56 11.09
CA VAL A 113 -8.84 -2.42 10.25
C VAL A 113 -10.33 -2.14 10.31
N ARG A 114 -11.15 -3.17 10.09
CA ARG A 114 -12.59 -3.00 10.11
C ARG A 114 -13.06 -2.40 11.43
N ALA A 115 -12.77 -3.08 12.55
CA ALA A 115 -13.19 -2.56 13.86
C ALA A 115 -12.76 -1.11 14.04
N LEU A 116 -11.54 -0.77 13.62
CA LEU A 116 -11.05 0.58 13.77
C LEU A 116 -11.84 1.56 12.89
N LEU A 117 -12.31 1.12 11.72
CA LEU A 117 -13.13 1.98 10.89
C LEU A 117 -14.53 2.14 11.49
N GLN A 118 -15.08 1.06 12.07
CA GLN A 118 -16.37 1.16 12.73
C GLN A 118 -16.34 2.19 13.87
N MET A 119 -15.30 2.13 14.70
CA MET A 119 -15.19 3.08 15.81
C MET A 119 -15.06 4.51 15.31
N ALA A 120 -14.42 4.70 14.15
CA ALA A 120 -14.15 6.05 13.67
C ALA A 120 -15.40 6.72 13.11
N VAL A 121 -16.27 5.97 12.45
CA VAL A 121 -17.54 6.51 12.00
C VAL A 121 -18.36 6.99 13.19
N VAL A 122 -18.50 6.13 14.20
CA VAL A 122 -19.25 6.48 15.40
C VAL A 122 -18.64 7.72 16.06
N LEU A 123 -17.33 7.69 16.29
CA LEU A 123 -16.68 8.80 16.98
C LEU A 123 -16.77 10.09 16.16
N THR A 124 -16.65 9.99 14.84
CA THR A 124 -16.72 11.19 14.00
C THR A 124 -18.08 11.88 14.15
N TYR A 125 -19.17 11.10 14.22
CA TYR A 125 -20.50 11.68 14.34
C TYR A 125 -20.67 12.38 15.69
N GLY A 126 -20.26 11.73 16.77
CA GLY A 126 -20.40 12.33 18.09
C GLY A 126 -19.47 13.51 18.28
N ALA A 127 -18.28 13.46 17.70
CA ALA A 127 -17.37 14.60 17.79
C ALA A 127 -17.81 15.74 16.89
N SER A 128 -18.56 15.45 15.84
CA SER A 128 -18.90 16.45 14.84
C SER A 128 -17.64 17.14 14.33
N MET A 129 -16.61 16.35 14.06
CA MET A 129 -15.35 16.84 13.53
C MET A 129 -14.52 15.65 13.08
N PRO A 130 -13.51 15.87 12.25
CA PRO A 130 -12.76 14.74 11.68
C PRO A 130 -12.03 13.94 12.75
N VAL A 131 -11.83 12.66 12.44
CA VAL A 131 -11.17 11.72 13.34
C VAL A 131 -9.97 11.14 12.61
N VAL A 132 -8.77 11.42 13.13
CA VAL A 132 -7.56 10.77 12.64
C VAL A 132 -7.55 9.34 13.17
N LYS A 133 -7.23 8.38 12.31
CA LYS A 133 -7.21 6.97 12.66
C LYS A 133 -5.77 6.47 12.65
N VAL A 134 -5.32 5.97 13.79
CA VAL A 134 -3.96 5.49 13.96
C VAL A 134 -4.03 4.07 14.50
N ALA A 135 -3.48 3.12 13.77
CA ALA A 135 -3.51 1.73 14.16
C ALA A 135 -2.22 1.35 14.86
N ARG A 136 -2.36 0.55 15.93
CA ARG A 136 -1.24 -0.19 16.50
C ARG A 136 -1.02 -1.41 15.62
N ILE A 137 -0.04 -1.33 14.70
CA ILE A 137 0.13 -2.36 13.69
C ILE A 137 1.42 -2.07 12.93
N ALA A 138 1.88 -3.05 12.17
CA ALA A 138 3.02 -2.90 11.27
C ALA A 138 4.30 -2.52 12.01
N GLY A 139 4.43 -2.96 13.26
CA GLY A 139 5.65 -2.70 14.01
C GLY A 139 5.57 -2.94 15.52
N GLN A 140 4.37 -3.25 16.03
CA GLN A 140 4.15 -3.39 17.46
C GLN A 140 4.59 -4.78 17.94
N TYR A 141 5.87 -5.07 17.74
CA TYR A 141 6.43 -6.40 17.98
C TYR A 141 7.43 -6.43 19.14
N ALA A 142 7.36 -5.50 20.08
CA ALA A 142 8.34 -5.47 21.17
C ALA A 142 7.75 -4.78 22.40
N LYS A 143 7.92 -5.41 23.56
CA LYS A 143 7.42 -4.87 24.82
C LYS A 143 8.52 -4.85 25.88
N PRO A 144 8.47 -3.89 26.80
CA PRO A 144 9.34 -3.95 27.96
C PRO A 144 8.84 -4.95 28.97
N ARG A 145 9.73 -5.36 29.85
CA ARG A 145 9.36 -6.29 30.91
C ARG A 145 10.00 -5.84 32.21
N SER A 146 9.18 -5.84 33.28
CA SER A 146 9.66 -5.42 34.59
C SER A 146 10.62 -6.43 35.21
N ALA A 147 10.46 -7.72 34.90
CA ALA A 147 11.31 -8.77 35.43
C ALA A 147 11.86 -9.63 34.29
N ASP A 148 13.16 -9.93 34.34
CA ASP A 148 13.78 -10.76 33.31
C ASP A 148 13.74 -12.24 33.65
N ILE A 149 12.96 -12.64 34.65
CA ILE A 149 12.60 -14.04 34.87
C ILE A 149 11.10 -14.08 35.10
N ASP A 150 10.38 -14.80 34.25
CA ASP A 150 8.93 -14.89 34.38
C ASP A 150 8.56 -15.99 35.37
N ALA A 151 7.26 -16.30 35.45
CA ALA A 151 6.76 -17.26 36.45
C ALA A 151 7.09 -18.69 36.10
N LEU A 152 7.44 -18.97 34.86
CA LEU A 152 8.02 -20.25 34.49
C LEU A 152 9.50 -20.30 34.79
N GLY A 153 10.04 -19.28 35.44
CA GLY A 153 11.47 -19.19 35.66
C GLY A 153 12.29 -19.13 34.38
N LEU A 154 11.77 -18.47 33.36
CA LEU A 154 12.43 -18.34 32.06
C LEU A 154 12.78 -16.88 31.80
N ARG A 155 13.76 -16.68 30.91
CA ARG A 155 13.94 -15.37 30.31
C ARG A 155 12.60 -14.89 29.76
N SER A 156 12.26 -13.65 30.06
CA SER A 156 10.95 -13.15 29.71
C SER A 156 10.79 -13.03 28.19
N TYR A 157 9.54 -13.16 27.74
CA TYR A 157 9.18 -12.84 26.37
C TYR A 157 9.10 -11.32 26.26
N ARG A 158 9.83 -10.76 25.31
CA ARG A 158 9.88 -9.30 25.13
C ARG A 158 9.34 -8.87 23.76
N GLY A 159 8.56 -9.73 23.11
CA GLY A 159 8.01 -9.41 21.81
C GLY A 159 8.73 -10.13 20.68
N ASP A 160 7.99 -10.45 19.63
CA ASP A 160 8.52 -11.24 18.54
C ASP A 160 9.68 -10.56 17.83
N MET A 161 9.86 -9.26 18.01
CA MET A 161 11.04 -8.59 17.47
C MET A 161 12.29 -8.95 18.25
N ILE A 162 12.16 -9.54 19.43
CA ILE A 162 13.28 -9.84 20.31
C ILE A 162 13.45 -11.34 20.52
N ASN A 163 12.38 -12.02 20.90
CA ASN A 163 12.44 -13.47 21.13
C ASN A 163 11.03 -14.06 20.97
N GLY A 164 10.89 -15.35 21.28
CA GLY A 164 9.67 -16.09 20.98
C GLY A 164 8.80 -16.35 22.19
N PHE A 165 7.48 -16.29 21.97
CA PHE A 165 6.48 -16.50 23.01
C PHE A 165 6.56 -17.89 23.63
N ALA A 166 7.29 -18.81 23.00
CA ALA A 166 7.30 -20.19 23.47
C ALA A 166 8.07 -20.29 24.79
N PRO A 167 7.54 -21.04 25.76
CA PRO A 167 8.32 -21.28 26.98
C PRO A 167 9.40 -22.32 26.78
N ASP A 168 10.64 -21.86 26.55
CA ASP A 168 11.80 -22.73 26.48
C ASP A 168 13.06 -21.90 26.26
N ALA A 169 14.21 -22.39 26.72
CA ALA A 169 15.40 -21.56 26.80
C ALA A 169 15.80 -21.02 25.43
N ALA A 170 15.71 -21.86 24.38
CA ALA A 170 16.17 -21.45 23.06
C ALA A 170 15.29 -20.33 22.50
N ALA A 171 13.98 -20.55 22.46
CA ALA A 171 13.07 -19.54 21.96
C ALA A 171 13.28 -18.19 22.64
N ARG A 172 13.61 -18.19 23.93
CA ARG A 172 13.70 -16.96 24.69
C ARG A 172 15.03 -16.23 24.50
N GLU A 173 15.99 -16.85 23.84
CA GLU A 173 17.24 -16.16 23.55
C GLU A 173 16.98 -15.03 22.56
N HIS A 174 17.63 -13.89 22.80
CA HIS A 174 17.43 -12.72 21.96
C HIS A 174 18.08 -12.94 20.60
N ASP A 175 17.29 -12.80 19.54
CA ASP A 175 17.70 -13.18 18.17
C ASP A 175 17.65 -11.96 17.27
N PRO A 176 18.79 -11.35 16.91
CA PRO A 176 18.74 -10.10 16.14
C PRO A 176 18.21 -10.26 14.73
N SER A 177 18.13 -11.49 14.19
CA SER A 177 17.51 -11.64 12.87
C SER A 177 16.02 -11.37 12.91
N ARG A 178 15.42 -11.37 14.10
CA ARG A 178 14.03 -10.92 14.26
C ARG A 178 13.87 -9.45 13.98
N LEU A 179 14.95 -8.68 13.93
CA LEU A 179 14.86 -7.34 13.36
C LEU A 179 14.32 -7.40 11.94
N VAL A 180 14.86 -8.32 11.14
CA VAL A 180 14.48 -8.41 9.72
C VAL A 180 13.12 -9.07 9.57
N ARG A 181 12.89 -10.16 10.29
CA ARG A 181 11.57 -10.78 10.29
C ARG A 181 10.51 -9.78 10.71
N ALA A 182 10.84 -8.87 11.65
CA ALA A 182 9.88 -7.88 12.10
C ALA A 182 9.56 -6.90 10.97
N TYR A 183 10.57 -6.40 10.28
CA TYR A 183 10.32 -5.50 9.16
C TYR A 183 9.50 -6.19 8.08
N ALA A 184 9.89 -7.41 7.71
CA ALA A 184 9.12 -8.18 6.73
C ALA A 184 7.65 -8.25 7.11
N ASN A 185 7.36 -8.70 8.33
CA ASN A 185 5.97 -8.77 8.75
C ASN A 185 5.31 -7.40 8.73
N ALA A 186 6.09 -6.35 9.00
CA ALA A 186 5.53 -5.00 9.05
C ALA A 186 5.15 -4.52 7.66
N SER A 187 6.06 -4.68 6.69
CA SER A 187 5.77 -4.35 5.30
C SER A 187 4.52 -5.09 4.81
N ALA A 188 4.52 -6.41 4.95
CA ALA A 188 3.42 -7.22 4.45
C ALA A 188 2.10 -6.76 5.05
N ALA A 189 2.11 -6.31 6.29
CA ALA A 189 0.87 -5.88 6.93
C ALA A 189 0.49 -4.48 6.48
N MET A 190 1.48 -3.60 6.32
CA MET A 190 1.16 -2.25 5.86
C MET A 190 0.74 -2.25 4.41
N ASN A 191 1.28 -3.18 3.61
CA ASN A 191 0.82 -3.32 2.24
C ASN A 191 -0.64 -3.72 2.19
N LEU A 192 -1.10 -4.50 3.16
CA LEU A 192 -2.49 -4.91 3.17
C LEU A 192 -3.41 -3.81 3.70
N VAL A 193 -3.00 -3.12 4.76
CA VAL A 193 -3.78 -2.00 5.27
C VAL A 193 -4.04 -0.99 4.16
N ARG A 194 -3.00 -0.68 3.38
CA ARG A 194 -3.14 0.24 2.26
C ARG A 194 -4.17 -0.28 1.26
N ALA A 195 -3.99 -1.50 0.77
CA ALA A 195 -5.00 -2.12 -0.07
C ALA A 195 -6.40 -2.02 0.56
N LEU A 196 -6.53 -2.38 1.83
CA LEU A 196 -7.84 -2.38 2.47
C LEU A 196 -8.44 -0.98 2.50
N THR A 197 -7.68 -0.01 2.96
CA THR A 197 -8.22 1.34 3.14
C THR A 197 -8.61 2.00 1.82
N SER A 198 -8.05 1.55 0.70
CA SER A 198 -8.36 2.12 -0.60
C SER A 198 -9.34 1.27 -1.40
N SER A 199 -9.99 0.29 -0.77
CA SER A 199 -10.98 -0.54 -1.46
C SER A 199 -12.36 -0.37 -0.81
N GLY A 200 -13.23 -1.37 -0.96
CA GLY A 200 -14.60 -1.24 -0.50
C GLY A 200 -14.72 -1.00 0.99
N LEU A 201 -13.77 -1.52 1.78
CA LEU A 201 -13.79 -1.32 3.22
C LEU A 201 -13.78 0.16 3.57
N ALA A 202 -13.28 1.01 2.69
CA ALA A 202 -13.28 2.45 2.93
C ALA A 202 -14.69 2.96 3.20
N SER A 203 -15.68 2.41 2.50
CA SER A 203 -16.98 3.07 2.34
C SER A 203 -17.74 3.14 3.66
N LEU A 204 -18.20 4.34 4.00
CA LEU A 204 -18.89 4.55 5.27
C LEU A 204 -20.16 3.73 5.35
N HIS A 205 -21.02 3.83 4.33
CA HIS A 205 -22.30 3.11 4.37
C HIS A 205 -22.08 1.64 4.61
N LEU A 206 -20.97 1.08 4.14
CA LEU A 206 -20.63 -0.30 4.46
C LEU A 206 -20.16 -0.44 5.90
N VAL A 207 -19.13 0.31 6.27
CA VAL A 207 -18.56 0.21 7.62
C VAL A 207 -19.67 0.33 8.66
N HIS A 208 -20.66 1.19 8.41
CA HIS A 208 -21.73 1.37 9.38
C HIS A 208 -22.80 0.30 9.28
N ASP A 209 -22.94 -0.36 8.13
CA ASP A 209 -23.87 -1.49 8.06
C ASP A 209 -23.41 -2.61 8.98
N TRP A 210 -22.11 -2.70 9.25
CA TRP A 210 -21.63 -3.59 10.29
C TRP A 210 -22.01 -3.07 11.67
N ASN A 211 -21.95 -1.74 11.86
CA ASN A 211 -22.39 -1.17 13.13
C ASN A 211 -23.84 -1.48 13.41
N ARG A 212 -24.64 -1.74 12.38
CA ARG A 212 -26.04 -2.09 12.59
C ARG A 212 -26.25 -3.59 12.70
N GLU A 213 -25.27 -4.39 12.27
CA GLU A 213 -25.23 -5.79 12.68
C GLU A 213 -24.83 -5.91 14.14
N PHE A 214 -23.88 -5.07 14.57
CA PHE A 214 -23.54 -4.99 15.99
C PHE A 214 -24.79 -4.82 16.83
N VAL A 215 -25.66 -3.88 16.45
CA VAL A 215 -26.82 -3.58 17.27
C VAL A 215 -27.88 -4.69 17.15
N ARG A 216 -28.01 -5.28 15.98
CA ARG A 216 -28.94 -6.39 15.82
C ARG A 216 -28.55 -7.56 16.72
N THR A 217 -27.33 -8.07 16.54
CA THR A 217 -26.88 -9.25 17.29
C THR A 217 -26.66 -8.92 18.77
N SER A 218 -26.01 -7.81 19.06
CA SER A 218 -25.47 -7.56 20.41
C SER A 218 -26.56 -7.60 21.47
N PRO A 219 -26.22 -7.98 22.71
CA PRO A 219 -27.21 -7.93 23.79
C PRO A 219 -27.60 -6.53 24.21
N ALA A 220 -26.66 -5.59 24.20
CA ALA A 220 -26.95 -4.21 24.61
C ALA A 220 -27.60 -3.39 23.49
N GLY A 221 -27.97 -4.04 22.39
CA GLY A 221 -28.54 -3.36 21.24
C GLY A 221 -29.40 -2.15 21.55
N ALA A 222 -30.31 -2.29 22.52
CA ALA A 222 -31.20 -1.18 22.82
C ALA A 222 -30.44 0.03 23.33
N ARG A 223 -29.30 -0.19 24.00
CA ARG A 223 -28.52 0.92 24.50
C ARG A 223 -27.91 1.75 23.37
N TYR A 224 -27.74 1.17 22.19
CA TYR A 224 -27.06 1.83 21.10
C TYR A 224 -27.90 1.93 19.82
N GLU A 225 -29.14 1.45 19.84
CA GLU A 225 -29.95 1.47 18.62
C GLU A 225 -30.23 2.90 18.17
N ALA A 226 -30.47 3.80 19.11
CA ALA A 226 -30.74 5.18 18.76
C ALA A 226 -29.58 5.76 17.95
N LEU A 227 -28.42 5.90 18.60
CA LEU A 227 -27.30 6.57 17.94
C LEU A 227 -26.93 5.87 16.64
N ALA A 228 -27.03 4.55 16.60
CA ALA A 228 -26.74 3.82 15.37
C ALA A 228 -27.71 4.23 14.27
N THR A 229 -28.99 4.41 14.61
CA THR A 229 -29.96 4.85 13.62
C THR A 229 -29.75 6.32 13.26
N GLU A 230 -29.49 7.16 14.25
CA GLU A 230 -29.22 8.57 13.98
C GLU A 230 -28.08 8.73 12.99
N ILE A 231 -27.07 7.86 13.08
CA ILE A 231 -25.93 7.94 12.18
C ILE A 231 -26.31 7.42 10.79
N ASP A 232 -26.98 6.28 10.73
CA ASP A 232 -27.43 5.76 9.45
C ASP A 232 -28.24 6.80 8.69
N ARG A 233 -28.89 7.71 9.40
CA ARG A 233 -29.70 8.73 8.77
C ARG A 233 -28.84 9.88 8.25
N GLY A 234 -27.80 10.26 8.98
CA GLY A 234 -26.84 11.20 8.45
C GLY A 234 -26.13 10.65 7.24
N LEU A 235 -25.86 9.35 7.24
CA LEU A 235 -25.24 8.74 6.07
C LEU A 235 -26.17 8.79 4.87
N ARG A 236 -27.45 8.49 5.09
CA ARG A 236 -28.43 8.60 4.01
C ARG A 236 -28.63 10.06 3.61
N PHE A 237 -28.62 10.97 4.58
CA PHE A 237 -28.69 12.39 4.28
C PHE A 237 -27.52 12.80 3.39
N MET A 238 -26.29 12.47 3.81
CA MET A 238 -25.11 12.61 2.99
C MET A 238 -25.36 12.17 1.55
N SER A 239 -25.83 10.93 1.39
CA SER A 239 -26.13 10.40 0.07
C SER A 239 -27.24 11.19 -0.61
N ALA A 240 -28.28 11.56 0.15
CA ALA A 240 -29.38 12.30 -0.44
C ALA A 240 -28.90 13.65 -0.98
N CYS A 241 -28.01 14.32 -0.26
CA CYS A 241 -27.49 15.61 -0.70
C CYS A 241 -26.53 15.49 -1.87
N GLY A 242 -26.28 14.29 -2.39
CA GLY A 242 -25.55 14.11 -3.63
C GLY A 242 -24.15 13.54 -3.48
N VAL A 243 -23.58 13.56 -2.27
CA VAL A 243 -22.20 13.11 -2.08
C VAL A 243 -21.95 11.76 -2.75
N ALA A 251 -10.06 6.23 2.59
CA ALA A 251 -9.79 6.21 4.04
C ALA A 251 -8.29 6.20 4.31
N GLU A 252 -7.88 6.85 5.40
CA GLU A 252 -6.47 6.92 5.79
C GLU A 252 -6.31 6.25 7.15
N ILE A 253 -5.48 5.22 7.22
CA ILE A 253 -5.13 4.57 8.47
C ILE A 253 -3.63 4.66 8.64
N TYR A 254 -3.20 5.33 9.68
CA TYR A 254 -1.78 5.51 9.97
C TYR A 254 -1.29 4.41 10.90
N ALA A 255 0.01 4.13 10.81
CA ALA A 255 0.63 3.06 11.58
C ALA A 255 1.46 3.64 12.72
N SER A 256 1.49 2.90 13.83
CA SER A 256 2.24 3.34 15.01
C SER A 256 2.54 2.16 15.92
N HIS A 257 3.69 2.25 16.59
CA HIS A 257 4.05 1.31 17.64
C HIS A 257 4.86 2.08 18.68
N GLU A 258 5.05 1.45 19.84
CA GLU A 258 5.96 2.01 20.83
C GLU A 258 7.39 1.88 20.34
N ALA A 259 8.11 2.99 20.29
CA ALA A 259 9.51 2.95 19.86
C ALA A 259 10.33 2.42 21.03
N LEU A 260 10.72 1.15 20.93
CA LEU A 260 11.39 0.47 22.03
C LEU A 260 12.76 -0.06 21.61
N VAL A 261 12.80 -1.01 20.68
CA VAL A 261 14.06 -1.57 20.20
C VAL A 261 14.73 -0.50 19.33
N LEU A 262 15.79 0.11 19.86
CA LEU A 262 16.41 1.21 19.15
C LEU A 262 17.35 0.77 18.04
N ASP A 263 17.73 -0.50 17.98
CA ASP A 263 18.40 -0.99 16.78
C ASP A 263 17.46 -0.94 15.60
N TYR A 264 16.17 -1.12 15.85
CA TYR A 264 15.18 -1.12 14.79
C TYR A 264 14.87 0.30 14.34
N GLU A 265 14.36 1.13 15.24
CA GLU A 265 13.92 2.48 14.89
C GLU A 265 15.03 3.28 14.20
N ARG A 266 16.28 2.97 14.52
CA ARG A 266 17.37 3.76 13.98
C ARG A 266 17.86 3.21 12.65
N ALA A 267 17.73 1.91 12.43
CA ALA A 267 17.97 1.37 11.10
C ALA A 267 16.90 1.81 10.12
N MET A 268 15.72 2.15 10.60
CA MET A 268 14.62 2.59 9.75
C MET A 268 14.61 4.11 9.56
N LEU A 269 15.65 4.80 10.00
CA LEU A 269 15.74 6.23 9.80
C LEU A 269 16.11 6.53 8.35
N ARG A 270 15.40 7.46 7.74
CA ARG A 270 15.71 7.94 6.41
C ARG A 270 15.73 9.47 6.41
N LEU A 271 16.46 10.02 5.44
CA LEU A 271 16.63 11.46 5.31
C LEU A 271 15.73 12.01 4.21
N SER A 272 14.87 12.96 4.55
CA SER A 272 14.22 13.81 3.57
C SER A 272 13.80 15.10 4.26
N ASP A 273 13.29 16.05 3.47
CA ASP A 273 12.86 17.33 3.99
C ASP A 273 11.37 17.31 4.26
N GLY A 274 10.96 18.08 5.28
CA GLY A 274 9.56 18.18 5.67
C GLY A 274 9.17 19.62 5.87
N ASP A 275 8.36 19.87 6.91
CA ASP A 275 7.88 21.21 7.22
C ASP A 275 9.03 22.12 7.61
N ASP A 276 9.94 22.40 6.69
CA ASP A 276 11.09 23.26 6.97
C ASP A 276 11.72 23.74 5.67
N GLY A 277 12.04 22.79 4.79
CA GLY A 277 12.87 23.04 3.63
C GLY A 277 14.23 22.39 3.74
N GLU A 278 14.75 22.31 4.95
CA GLU A 278 15.96 21.56 5.26
C GLU A 278 15.64 20.08 5.35
N PRO A 279 16.62 19.20 5.13
CA PRO A 279 16.34 17.77 5.18
C PRO A 279 16.27 17.30 6.63
N GLN A 280 15.15 16.66 6.98
CA GLN A 280 14.92 16.16 8.33
C GLN A 280 15.09 14.64 8.37
N LEU A 281 15.30 14.12 9.57
CA LEU A 281 15.27 12.67 9.79
C LEU A 281 13.85 12.25 10.12
N PHE A 282 13.32 11.32 9.33
CA PHE A 282 12.10 10.61 9.65
C PHE A 282 12.43 9.16 10.00
N ASP A 283 11.68 8.61 10.94
CA ASP A 283 11.71 7.18 11.21
C ASP A 283 10.59 6.57 10.38
N LEU A 284 10.95 5.90 9.28
CA LEU A 284 9.96 5.39 8.35
C LEU A 284 9.60 3.93 8.61
N SER A 285 9.64 3.51 9.87
CA SER A 285 9.07 2.23 10.26
C SER A 285 7.61 2.37 10.65
N ALA A 286 7.12 3.59 10.78
CA ALA A 286 5.77 3.88 11.23
C ALA A 286 5.51 5.34 10.87
N HIS A 287 4.29 5.80 11.15
CA HIS A 287 3.98 7.20 10.94
C HIS A 287 4.21 8.01 12.21
N THR A 288 3.78 7.46 13.34
CA THR A 288 4.06 8.04 14.65
C THR A 288 4.46 6.91 15.60
N VAL A 289 5.33 7.23 16.56
CA VAL A 289 5.71 6.30 17.61
C VAL A 289 5.59 7.00 18.94
N TRP A 290 5.29 6.22 19.98
CA TRP A 290 5.24 6.75 21.33
C TRP A 290 6.32 6.09 22.19
N ILE A 291 6.61 6.73 23.32
CA ILE A 291 7.60 6.26 24.26
C ILE A 291 6.88 5.81 25.51
N GLY A 292 7.15 4.58 25.94
CA GLY A 292 6.38 3.97 27.00
C GLY A 292 6.71 4.50 28.37
N GLU A 293 5.93 4.04 29.35
CA GLU A 293 6.13 4.45 30.74
C GLU A 293 7.54 4.11 31.22
N ARG A 294 8.09 2.98 30.78
CA ARG A 294 9.34 2.46 31.32
C ARG A 294 10.58 2.88 30.53
N THR A 295 10.45 3.74 29.53
CA THR A 295 11.60 4.12 28.71
C THR A 295 11.74 5.63 28.57
N ARG A 296 10.90 6.41 29.25
CA ARG A 296 10.82 7.85 29.00
C ARG A 296 11.74 8.67 29.90
N GLN A 297 12.85 8.09 30.36
CA GLN A 297 13.83 8.84 31.13
C GLN A 297 14.20 10.12 30.38
N ILE A 298 13.95 11.26 31.02
CA ILE A 298 14.14 12.55 30.34
C ILE A 298 15.52 12.65 29.71
N ASP A 299 16.52 11.98 30.30
CA ASP A 299 17.88 11.97 29.76
C ASP A 299 18.27 10.59 29.21
N GLY A 300 17.28 9.73 28.93
CA GLY A 300 17.55 8.47 28.28
C GLY A 300 17.55 8.58 26.76
N ALA A 301 17.91 7.47 26.10
CA ALA A 301 18.04 7.46 24.65
C ALA A 301 16.68 7.55 23.95
N HIS A 302 15.61 7.04 24.54
CA HIS A 302 14.33 7.09 23.85
C HIS A 302 13.84 8.53 23.69
N ILE A 303 13.79 9.30 24.78
CA ILE A 303 13.42 10.71 24.67
C ILE A 303 14.38 11.44 23.74
N ALA A 304 15.67 11.11 23.83
CA ALA A 304 16.64 11.73 22.93
C ALA A 304 16.38 11.33 21.49
N PHE A 305 15.84 10.12 21.27
CA PHE A 305 15.51 9.69 19.92
C PHE A 305 14.31 10.47 19.39
N ALA A 306 13.26 10.63 20.20
CA ALA A 306 12.12 11.43 19.78
C ALA A 306 12.54 12.86 19.47
N GLN A 307 13.50 13.39 20.23
CA GLN A 307 14.06 14.72 19.92
C GLN A 307 14.46 14.81 18.45
N VAL A 308 15.12 13.76 17.95
CA VAL A 308 15.84 13.84 16.68
C VAL A 308 14.94 13.62 15.47
N ILE A 309 13.85 12.85 15.62
CA ILE A 309 13.04 12.48 14.47
C ILE A 309 11.91 13.50 14.30
N ALA A 310 11.42 13.60 13.07
CA ALA A 310 10.35 14.53 12.73
C ALA A 310 8.96 13.94 12.96
N ASN A 311 8.85 12.63 13.16
CA ASN A 311 7.55 12.01 13.33
C ASN A 311 6.79 12.65 14.48
N PRO A 312 5.47 12.73 14.41
CA PRO A 312 4.68 12.92 15.62
C PRO A 312 5.06 11.86 16.65
N VAL A 313 5.15 12.27 17.91
CA VAL A 313 5.48 11.36 19.00
C VAL A 313 4.52 11.56 20.15
N GLY A 314 4.30 10.48 20.90
CA GLY A 314 3.53 10.52 22.11
C GLY A 314 4.37 10.04 23.29
N VAL A 315 3.95 10.38 24.50
CA VAL A 315 4.64 9.94 25.71
C VAL A 315 3.57 9.51 26.72
N LYS A 316 3.72 8.30 27.25
CA LYS A 316 2.78 7.79 28.23
C LYS A 316 3.03 8.45 29.58
N LEU A 317 1.94 8.80 30.29
CA LEU A 317 2.02 9.49 31.57
C LEU A 317 1.18 8.74 32.60
N GLY A 318 1.86 8.06 33.53
CA GLY A 318 1.20 7.33 34.59
C GLY A 318 0.91 8.19 35.82
N PRO A 319 0.42 7.56 36.88
CA PRO A 319 -0.03 8.33 38.06
C PRO A 319 1.08 9.12 38.73
N ASN A 320 2.33 8.67 38.64
CA ASN A 320 3.43 9.34 39.32
C ASN A 320 4.13 10.34 38.40
N MET A 321 3.32 11.18 37.75
CA MET A 321 3.82 12.19 36.82
C MET A 321 3.66 13.54 37.48
N THR A 322 4.79 14.19 37.76
CA THR A 322 4.73 15.54 38.29
C THR A 322 4.30 16.51 37.20
N PRO A 323 3.38 17.44 37.48
CA PRO A 323 3.15 18.52 36.51
C PRO A 323 4.44 19.16 36.03
N GLU A 324 5.49 19.13 36.84
CA GLU A 324 6.77 19.72 36.42
C GLU A 324 7.40 18.91 35.30
N LEU A 325 7.31 17.58 35.36
CA LEU A 325 8.01 16.75 34.38
C LEU A 325 7.29 16.72 33.04
N ALA A 326 5.96 16.64 33.06
CA ALA A 326 5.19 16.78 31.82
C ALA A 326 5.70 17.97 31.02
N VAL A 327 6.04 19.07 31.70
CA VAL A 327 6.48 20.28 31.02
C VAL A 327 7.88 20.09 30.43
N GLU A 328 8.75 19.34 31.10
CA GLU A 328 10.08 19.13 30.54
C GLU A 328 10.04 18.19 29.34
N TYR A 329 8.99 17.38 29.21
CA TYR A 329 8.77 16.66 27.97
C TYR A 329 8.35 17.59 26.86
N VAL A 330 7.50 18.57 27.18
CA VAL A 330 7.00 19.50 26.18
C VAL A 330 8.13 20.38 25.66
N GLU A 331 9.03 20.83 26.55
CA GLU A 331 10.13 21.65 26.09
C GLU A 331 11.12 20.83 25.28
N ARG A 332 11.28 19.55 25.60
CA ARG A 332 12.30 18.73 24.97
C ARG A 332 11.82 18.06 23.68
N LEU A 333 10.51 17.87 23.51
CA LEU A 333 9.96 17.20 22.34
C LEU A 333 9.10 18.09 21.46
N ASP A 334 8.72 19.29 21.91
CA ASP A 334 8.07 20.27 21.05
C ASP A 334 8.88 21.56 21.05
N PRO A 335 10.20 21.47 20.84
CA PRO A 335 11.03 22.70 20.93
C PRO A 335 10.58 23.82 20.01
N HIS A 336 9.95 23.52 18.88
CA HIS A 336 9.57 24.55 17.91
C HIS A 336 8.07 24.83 17.90
N ASN A 337 7.41 24.66 19.05
CA ASN A 337 5.99 24.94 19.20
C ASN A 337 5.21 24.59 17.93
N LYS A 338 5.24 23.30 17.59
CA LYS A 338 4.45 22.78 16.49
C LYS A 338 3.25 22.04 17.04
N PRO A 339 2.03 22.54 16.87
CA PRO A 339 0.88 21.84 17.45
C PRO A 339 0.76 20.41 16.91
N GLY A 340 0.34 19.50 17.78
CA GLY A 340 0.18 18.11 17.43
C GLY A 340 1.45 17.30 17.39
N ARG A 341 2.61 17.92 17.18
CA ARG A 341 3.86 17.16 17.10
C ARG A 341 4.11 16.33 18.35
N LEU A 342 3.58 16.74 19.49
CA LEU A 342 3.73 15.99 20.74
C LEU A 342 2.36 15.64 21.29
N THR A 343 2.18 14.38 21.67
CA THR A 343 0.97 13.90 22.31
C THR A 343 1.33 13.41 23.70
N LEU A 344 0.46 13.67 24.67
CA LEU A 344 0.62 13.21 26.04
C LEU A 344 -0.54 12.30 26.37
N VAL A 345 -0.23 11.07 26.79
CA VAL A 345 -1.19 9.99 26.89
C VAL A 345 -1.49 9.73 28.36
N SER A 346 -2.69 10.12 28.80
CA SER A 346 -3.12 9.82 30.17
C SER A 346 -3.30 8.31 30.34
N ARG A 347 -2.72 7.78 31.41
CA ARG A 347 -2.90 6.38 31.78
C ARG A 347 -2.80 6.31 33.31
N MET A 348 -3.81 6.89 33.97
CA MET A 348 -3.80 7.07 35.42
C MET A 348 -4.57 6.00 36.18
N GLY A 349 -5.53 5.34 35.54
CA GLY A 349 -6.50 4.54 36.26
C GLY A 349 -7.71 5.40 36.59
N ASN A 350 -8.91 4.85 36.35
CA ASN A 350 -10.13 5.63 36.55
C ASN A 350 -10.18 6.24 37.95
N HIS A 351 -9.87 5.43 38.97
CA HIS A 351 -9.91 5.89 40.35
C HIS A 351 -8.94 7.04 40.62
N LYS A 352 -8.02 7.34 39.69
CA LYS A 352 -7.01 8.36 39.91
C LYS A 352 -6.98 9.46 38.86
N VAL A 353 -7.66 9.30 37.72
CA VAL A 353 -7.49 10.25 36.63
C VAL A 353 -8.07 11.61 36.99
N ARG A 354 -9.27 11.62 37.59
CA ARG A 354 -9.94 12.88 37.87
C ARG A 354 -9.14 13.78 38.81
N ASP A 355 -8.37 13.19 39.72
CA ASP A 355 -7.62 13.98 40.68
C ASP A 355 -6.17 14.21 40.28
N LEU A 356 -5.55 13.24 39.59
CA LEU A 356 -4.13 13.33 39.30
C LEU A 356 -3.82 14.10 38.02
N LEU A 357 -4.79 14.27 37.13
CA LEU A 357 -4.54 14.83 35.81
C LEU A 357 -4.63 16.36 35.77
N PRO A 358 -5.68 16.96 36.33
CA PRO A 358 -5.90 18.42 36.17
C PRO A 358 -4.65 19.25 36.35
N PRO A 359 -3.87 19.02 37.42
CA PRO A 359 -2.65 19.85 37.59
C PRO A 359 -1.65 19.69 36.47
N ILE A 360 -1.65 18.53 35.80
CA ILE A 360 -0.73 18.32 34.68
C ILE A 360 -1.20 19.10 33.47
N VAL A 361 -2.50 19.03 33.18
CA VAL A 361 -3.07 19.82 32.09
C VAL A 361 -2.72 21.29 32.29
N GLU A 362 -3.06 21.84 33.46
CA GLU A 362 -2.76 23.23 33.78
C GLU A 362 -1.30 23.57 33.49
N LYS A 363 -0.38 22.87 34.16
CA LYS A 363 1.03 23.24 34.08
C LYS A 363 1.54 23.26 32.64
N VAL A 364 0.98 22.41 31.78
CA VAL A 364 1.45 22.35 30.40
C VAL A 364 0.78 23.43 29.56
N GLN A 365 -0.54 23.56 29.69
CA GLN A 365 -1.26 24.59 28.93
C GLN A 365 -0.59 25.95 29.10
N ALA A 366 -0.27 26.30 30.33
CA ALA A 366 0.33 27.59 30.62
C ALA A 366 1.71 27.77 30.00
N THR A 367 2.19 26.87 29.14
CA THR A 367 3.54 26.95 28.60
C THR A 367 3.58 27.52 27.18
N GLY A 368 2.43 27.74 26.56
CA GLY A 368 2.43 28.20 25.18
C GLY A 368 2.78 27.11 24.19
N HIS A 369 2.51 25.84 24.53
CA HIS A 369 2.69 24.72 23.62
C HIS A 369 1.35 24.04 23.43
N GLN A 370 1.06 23.66 22.19
CA GLN A 370 -0.18 22.97 21.85
C GLN A 370 0.13 21.49 21.68
N VAL A 371 -0.48 20.67 22.54
CA VAL A 371 -0.26 19.23 22.52
C VAL A 371 -1.60 18.55 22.41
N ILE A 372 -1.54 17.23 22.22
CA ILE A 372 -2.74 16.40 22.08
C ILE A 372 -2.93 15.67 23.40
N TRP A 373 -3.99 16.02 24.13
CA TRP A 373 -4.32 15.28 25.33
C TRP A 373 -5.08 14.03 24.92
N GLN A 374 -4.44 12.87 25.06
CA GLN A 374 -4.99 11.60 24.65
C GLN A 374 -5.15 10.69 25.85
N CYS A 375 -6.22 9.89 25.85
CA CYS A 375 -6.62 9.09 27.00
C CYS A 375 -6.40 7.61 26.69
N ASP A 376 -5.51 6.98 27.47
CA ASP A 376 -5.30 5.54 27.47
C ASP A 376 -6.02 4.95 28.68
N PRO A 377 -7.26 4.47 28.52
CA PRO A 377 -8.02 4.04 29.69
C PRO A 377 -7.82 2.56 30.03
N MET A 378 -6.65 2.01 29.71
CA MET A 378 -6.45 0.58 29.84
C MET A 378 -5.14 0.22 30.54
N HIS A 379 -4.05 0.83 30.11
CA HIS A 379 -2.77 0.46 30.66
C HIS A 379 -2.59 0.86 32.14
N GLY A 380 -3.64 1.35 32.81
CA GLY A 380 -3.59 1.63 34.24
C GLY A 380 -4.84 1.15 34.96
N ASN A 381 -5.49 0.13 34.41
CA ASN A 381 -6.68 -0.46 35.01
C ASN A 381 -6.67 -1.98 34.90
N THR A 382 -5.47 -2.57 34.78
CA THR A 382 -5.33 -4.01 34.59
C THR A 382 -5.30 -4.69 35.95
N HIS A 383 -6.27 -5.57 36.20
CA HIS A 383 -6.40 -6.25 37.48
C HIS A 383 -6.37 -7.76 37.27
N GLU A 384 -5.63 -8.45 38.13
CA GLU A 384 -5.52 -9.90 38.04
C GLU A 384 -6.86 -10.56 38.32
N SER A 385 -7.25 -11.50 37.48
CA SER A 385 -8.50 -12.23 37.67
C SER A 385 -8.28 -13.38 38.64
N SER A 386 -9.35 -13.72 39.37
CA SER A 386 -9.28 -14.82 40.32
C SER A 386 -8.89 -16.14 39.65
N THR A 387 -9.07 -16.24 38.33
CA THR A 387 -8.82 -17.48 37.61
C THR A 387 -7.48 -17.46 36.86
N GLY A 388 -6.56 -16.57 37.25
CA GLY A 388 -5.22 -16.58 36.71
C GLY A 388 -4.92 -15.50 35.68
N PHE A 389 -5.88 -15.21 34.81
CA PHE A 389 -5.65 -14.29 33.71
C PHE A 389 -5.56 -12.85 34.20
N LYS A 390 -4.74 -12.05 33.52
CA LYS A 390 -4.76 -10.61 33.69
C LYS A 390 -5.85 -10.04 32.79
N THR A 391 -6.66 -9.14 33.35
CA THR A 391 -7.88 -8.72 32.68
C THR A 391 -8.16 -7.25 33.02
N ARG A 392 -9.30 -6.75 32.54
CA ARG A 392 -9.70 -5.37 32.72
C ARG A 392 -11.22 -5.30 32.84
N HIS A 393 -11.69 -4.40 33.70
CA HIS A 393 -13.12 -4.27 33.99
C HIS A 393 -13.68 -3.16 33.10
N PHE A 394 -14.60 -3.54 32.20
CA PHE A 394 -15.18 -2.59 31.26
C PHE A 394 -15.59 -1.29 31.94
N ASP A 395 -16.32 -1.40 33.06
CA ASP A 395 -16.82 -0.21 33.73
C ASP A 395 -15.70 0.71 34.18
N ARG A 396 -14.49 0.18 34.35
CA ARG A 396 -13.35 1.01 34.76
C ARG A 396 -12.67 1.67 33.58
N ILE A 397 -12.62 1.01 32.43
CA ILE A 397 -12.15 1.66 31.20
C ILE A 397 -13.06 2.84 30.85
N VAL A 398 -14.33 2.53 30.59
CA VAL A 398 -15.32 3.57 30.30
C VAL A 398 -15.19 4.72 31.29
N ASP A 399 -15.02 4.41 32.57
CA ASP A 399 -15.05 5.43 33.60
C ASP A 399 -13.83 6.33 33.55
N GLU A 400 -12.69 5.83 33.08
CA GLU A 400 -11.51 6.68 33.00
C GLU A 400 -11.58 7.64 31.82
N VAL A 401 -12.06 7.17 30.67
CA VAL A 401 -12.32 8.09 29.57
C VAL A 401 -13.32 9.14 30.02
N GLN A 402 -14.42 8.70 30.62
CA GLN A 402 -15.42 9.62 31.15
C GLN A 402 -14.79 10.65 32.09
N GLY A 403 -14.04 10.17 33.09
CA GLY A 403 -13.34 11.08 33.97
C GLY A 403 -12.32 11.94 33.24
N PHE A 404 -11.70 11.38 32.20
CA PHE A 404 -10.77 12.14 31.38
C PHE A 404 -11.48 13.29 30.68
N PHE A 405 -12.72 13.05 30.22
CA PHE A 405 -13.51 14.13 29.64
C PHE A 405 -13.93 15.14 30.70
N GLU A 406 -14.42 14.65 31.83
CA GLU A 406 -14.88 15.55 32.90
C GLU A 406 -13.77 16.51 33.31
N VAL A 407 -12.53 16.02 33.38
CA VAL A 407 -11.40 16.92 33.62
C VAL A 407 -11.37 18.00 32.55
N HIS A 408 -11.30 17.59 31.27
CA HIS A 408 -11.07 18.56 30.21
C HIS A 408 -12.22 19.54 30.10
N ARG A 409 -13.46 19.06 30.22
CA ARG A 409 -14.60 19.96 30.30
C ARG A 409 -14.42 20.95 31.45
N ALA A 410 -14.10 20.43 32.64
CA ALA A 410 -13.88 21.30 33.80
C ALA A 410 -12.79 22.32 33.53
N LEU A 411 -11.70 21.90 32.90
CA LEU A 411 -10.58 22.80 32.63
C LEU A 411 -10.76 23.59 31.33
N GLY A 412 -11.83 23.34 30.58
CA GLY A 412 -12.00 23.99 29.29
C GLY A 412 -10.98 23.62 28.25
N THR A 413 -10.33 22.46 28.40
CA THR A 413 -9.35 21.99 27.43
C THR A 413 -9.99 21.03 26.44
N HIS A 414 -9.17 20.51 25.53
CA HIS A 414 -9.68 19.66 24.47
C HIS A 414 -9.42 18.20 24.80
N PRO A 415 -10.45 17.37 25.02
CA PRO A 415 -10.22 15.92 25.07
C PRO A 415 -9.80 15.41 23.70
N GLY A 416 -8.50 15.12 23.55
CA GLY A 416 -7.93 15.01 22.22
C GLY A 416 -8.10 13.69 21.53
N GLY A 417 -8.25 12.60 22.29
CA GLY A 417 -8.33 11.29 21.67
C GLY A 417 -8.33 10.20 22.72
N ILE A 418 -8.48 8.97 22.23
CA ILE A 418 -8.34 7.78 23.05
C ILE A 418 -7.26 6.90 22.44
N HIS A 419 -6.52 6.20 23.31
CA HIS A 419 -5.53 5.21 22.93
C HIS A 419 -5.96 3.89 23.54
N VAL A 420 -6.26 2.91 22.71
CA VAL A 420 -7.08 1.78 23.11
C VAL A 420 -6.52 0.51 22.51
N GLU A 421 -6.83 -0.62 23.14
CA GLU A 421 -6.32 -1.94 22.74
C GLU A 421 -7.48 -2.84 22.40
N ILE A 422 -7.54 -3.29 21.15
CA ILE A 422 -8.72 -3.92 20.59
C ILE A 422 -8.30 -5.06 19.66
N THR A 423 -9.30 -5.86 19.28
CA THR A 423 -9.13 -6.83 18.21
C THR A 423 -10.49 -7.02 17.53
N GLY A 424 -10.45 -7.49 16.29
CA GLY A 424 -11.66 -7.83 15.58
C GLY A 424 -12.23 -9.19 15.89
N GLU A 425 -11.46 -10.04 16.57
CA GLU A 425 -11.95 -11.35 16.99
C GLU A 425 -12.84 -11.22 18.21
N ASN A 426 -13.65 -12.25 18.44
CA ASN A 426 -14.50 -12.33 19.62
C ASN A 426 -13.76 -13.06 20.75
N VAL A 427 -12.63 -12.47 21.15
CA VAL A 427 -11.84 -12.99 22.26
C VAL A 427 -12.57 -12.68 23.56
N THR A 428 -12.08 -13.25 24.66
CA THR A 428 -12.67 -13.07 25.98
C THR A 428 -11.60 -12.62 26.96
N GLU A 429 -10.89 -11.56 26.61
CA GLU A 429 -9.76 -11.10 27.41
C GLU A 429 -10.15 -10.03 28.42
N CYS A 430 -11.29 -9.37 28.25
CA CYS A 430 -11.73 -8.32 29.15
C CYS A 430 -13.08 -8.69 29.78
N LEU A 431 -13.35 -8.09 30.93
CA LEU A 431 -14.53 -8.38 31.73
C LEU A 431 -15.60 -7.34 31.49
N GLY A 432 -16.83 -7.79 31.33
CA GLY A 432 -17.97 -6.89 31.20
C GLY A 432 -18.35 -6.62 29.76
N GLY A 433 -19.06 -5.51 29.58
CA GLY A 433 -19.55 -5.12 28.28
C GLY A 433 -20.93 -5.70 28.00
N ALA A 434 -21.21 -5.95 26.72
CA ALA A 434 -22.50 -6.51 26.34
C ALA A 434 -22.62 -7.96 26.79
N GLN A 435 -21.68 -8.80 26.37
CA GLN A 435 -21.71 -10.22 26.70
C GLN A 435 -21.51 -10.50 28.19
N ASP A 436 -21.14 -9.49 28.98
CA ASP A 436 -20.95 -9.64 30.42
C ASP A 436 -19.89 -10.69 30.73
N ILE A 437 -18.77 -10.63 29.99
CA ILE A 437 -17.65 -11.54 30.22
C ILE A 437 -17.25 -11.46 31.69
N SER A 438 -17.13 -12.61 32.33
CA SER A 438 -16.96 -12.69 33.79
C SER A 438 -15.62 -13.34 34.14
N GLU A 439 -15.42 -13.54 35.45
CA GLU A 439 -14.18 -14.12 35.94
C GLU A 439 -13.89 -15.47 35.31
N THR A 440 -14.94 -16.27 35.07
CA THR A 440 -14.78 -17.60 34.51
C THR A 440 -14.71 -17.61 32.99
N ASP A 441 -15.19 -16.55 32.33
CA ASP A 441 -15.20 -16.52 30.87
C ASP A 441 -13.80 -16.30 30.30
N LEU A 442 -12.92 -15.63 31.06
CA LEU A 442 -11.61 -15.26 30.55
C LEU A 442 -10.87 -16.44 29.90
N ALA A 443 -11.25 -17.67 30.23
CA ALA A 443 -10.58 -18.85 29.69
C ALA A 443 -11.13 -19.30 28.36
N GLY A 444 -12.14 -18.61 27.81
CA GLY A 444 -12.74 -19.02 26.57
C GLY A 444 -11.86 -18.81 25.36
N ARG A 445 -11.40 -17.57 25.16
CA ARG A 445 -10.53 -17.21 24.04
C ARG A 445 -9.58 -16.11 24.53
N TYR A 446 -8.68 -16.48 25.44
CA TYR A 446 -7.63 -15.56 25.88
C TYR A 446 -6.49 -15.68 24.90
N GLU A 447 -6.50 -14.83 23.87
CA GLU A 447 -5.64 -14.97 22.71
C GLU A 447 -4.55 -13.91 22.62
N THR A 448 -4.51 -12.94 23.54
CA THR A 448 -3.49 -11.91 23.50
C THR A 448 -2.16 -12.46 23.99
N ALA A 449 -1.09 -12.09 23.31
CA ALA A 449 0.27 -12.40 23.76
C ALA A 449 0.79 -11.39 24.74
N CYS A 450 -0.08 -10.61 25.37
CA CYS A 450 0.33 -9.68 26.42
C CYS A 450 -0.87 -9.12 27.17
N ASP A 451 -1.34 -7.86 26.82
CA ASP A 451 -2.43 -7.27 27.59
C ASP A 451 -3.78 -7.71 27.03
N PRO A 452 -4.81 -7.72 27.87
CA PRO A 452 -6.15 -8.10 27.42
C PRO A 452 -6.80 -6.99 26.58
N ARG A 453 -7.47 -7.41 25.51
CA ARG A 453 -8.06 -6.48 24.55
C ARG A 453 -9.59 -6.54 24.60
N LEU A 454 -10.20 -5.38 24.38
CA LEU A 454 -11.62 -5.33 24.14
C LEU A 454 -11.95 -6.07 22.84
N ASN A 455 -12.80 -7.09 22.92
CA ASN A 455 -13.21 -7.78 21.70
C ASN A 455 -14.01 -6.84 20.80
N THR A 456 -14.42 -7.31 19.63
CA THR A 456 -15.08 -6.43 18.67
C THR A 456 -16.25 -5.69 19.31
N GLN A 457 -17.09 -6.41 20.05
CA GLN A 457 -18.27 -5.77 20.64
C GLN A 457 -17.86 -4.66 21.61
N GLN A 458 -16.88 -4.94 22.47
CA GLN A 458 -16.51 -3.95 23.48
C GLN A 458 -15.84 -2.74 22.85
N SER A 459 -15.12 -2.94 21.75
CA SER A 459 -14.53 -1.81 21.02
C SER A 459 -15.61 -0.89 20.50
N LEU A 460 -16.66 -1.48 19.90
CA LEU A 460 -17.78 -0.68 19.40
C LEU A 460 -18.56 -0.04 20.54
N GLU A 461 -18.96 -0.85 21.53
CA GLU A 461 -19.64 -0.30 22.69
C GLU A 461 -18.92 0.93 23.21
N LEU A 462 -17.63 0.78 23.52
CA LEU A 462 -16.85 1.93 23.99
C LEU A 462 -16.89 3.06 22.99
N ALA A 463 -16.94 2.75 21.70
CA ALA A 463 -16.96 3.79 20.68
C ALA A 463 -18.23 4.62 20.79
N PHE A 464 -19.38 3.95 20.93
CA PHE A 464 -20.63 4.67 21.13
C PHE A 464 -20.59 5.50 22.41
N LEU A 465 -20.11 4.91 23.50
CA LEU A 465 -20.09 5.63 24.77
C LEU A 465 -19.24 6.89 24.68
N VAL A 466 -18.09 6.81 24.01
CA VAL A 466 -17.23 7.98 23.89
C VAL A 466 -17.83 9.00 22.92
N ALA A 467 -18.65 8.53 21.97
CA ALA A 467 -19.38 9.45 21.11
C ALA A 467 -20.29 10.35 21.95
N GLU A 468 -20.98 9.76 22.93
CA GLU A 468 -21.86 10.54 23.78
C GLU A 468 -21.07 11.50 24.67
N MET A 469 -19.86 11.12 25.09
CA MET A 469 -19.02 12.04 25.85
C MET A 469 -18.62 13.24 25.00
N LEU A 470 -18.38 13.02 23.71
CA LEU A 470 -18.03 14.10 22.78
C LEU A 470 -19.22 14.94 22.39
N ARG A 471 -20.43 14.44 22.61
CA ARG A 471 -21.64 15.12 22.16
C ARG A 471 -21.62 16.59 22.59
N ASP A 472 -22.22 17.43 21.75
CA ASP A 472 -22.31 18.86 22.02
C ASP A 472 -22.93 19.10 23.38
N MET B 11 24.33 -15.67 8.20
CA MET B 11 23.55 -14.39 8.19
C MET B 11 22.20 -14.62 7.54
N ASN B 12 21.17 -14.86 8.34
CA ASN B 12 19.86 -15.20 7.81
C ASN B 12 18.81 -15.14 8.91
N TRP B 13 17.58 -14.86 8.52
CA TRP B 13 16.45 -14.90 9.43
C TRP B 13 15.70 -16.22 9.28
N THR B 14 14.68 -16.42 10.10
CA THR B 14 14.02 -17.72 10.21
C THR B 14 12.52 -17.53 10.43
N VAL B 15 11.71 -18.26 9.65
CA VAL B 15 10.25 -18.24 9.78
C VAL B 15 9.77 -19.59 10.29
N ASP B 16 8.76 -19.56 11.16
CA ASP B 16 8.13 -20.76 11.65
C ASP B 16 7.14 -21.28 10.61
N ILE B 17 7.01 -22.61 10.54
CA ILE B 17 6.05 -23.25 9.64
C ILE B 17 4.74 -23.47 10.41
N PRO B 18 3.59 -23.03 9.88
CA PRO B 18 2.36 -23.10 10.68
C PRO B 18 2.00 -24.52 11.09
N ILE B 19 1.21 -24.61 12.16
CA ILE B 19 0.77 -25.89 12.69
C ILE B 19 -0.74 -25.86 12.97
N LEU B 25 -6.77 -21.61 6.25
CA LEU B 25 -7.49 -21.19 5.05
C LEU B 25 -8.62 -22.16 4.73
N PRO B 26 -9.71 -21.67 4.14
CA PRO B 26 -10.93 -22.47 4.04
C PRO B 26 -10.93 -23.37 2.83
N PRO B 27 -11.68 -24.47 2.87
CA PRO B 27 -11.64 -25.44 1.76
C PRO B 27 -12.34 -24.90 0.52
N LEU B 28 -11.76 -25.23 -0.62
CA LEU B 28 -12.34 -24.85 -1.89
C LEU B 28 -13.67 -25.57 -2.10
N PRO B 29 -14.66 -24.92 -2.72
CA PRO B 29 -15.76 -25.68 -3.30
C PRO B 29 -15.23 -26.82 -4.16
N THR B 30 -16.00 -27.92 -4.22
CA THR B 30 -15.48 -29.15 -4.80
C THR B 30 -15.03 -28.94 -6.25
N ASP B 31 -15.77 -28.15 -7.02
CA ASP B 31 -15.43 -27.95 -8.42
C ASP B 31 -14.10 -27.21 -8.57
N LEU B 32 -13.87 -26.16 -7.76
CA LEU B 32 -12.59 -25.46 -7.83
C LEU B 32 -11.46 -26.33 -7.33
N ARG B 33 -11.71 -27.10 -6.27
CA ARG B 33 -10.77 -28.14 -5.84
C ARG B 33 -10.37 -29.03 -7.02
N THR B 34 -11.37 -29.52 -7.77
CA THR B 34 -11.11 -30.48 -8.83
C THR B 34 -10.38 -29.84 -10.00
N ARG B 35 -10.93 -28.73 -10.51
CA ARG B 35 -10.32 -28.07 -11.66
C ARG B 35 -8.90 -27.65 -11.35
N LEU B 36 -8.66 -27.13 -10.13
CA LEU B 36 -7.31 -26.72 -9.75
C LEU B 36 -6.37 -27.90 -9.67
N ASP B 37 -6.75 -28.93 -8.91
CA ASP B 37 -5.95 -30.14 -8.86
C ASP B 37 -5.77 -30.74 -10.24
N ALA B 38 -6.85 -30.77 -11.04
CA ALA B 38 -6.74 -31.21 -12.43
C ALA B 38 -5.68 -30.39 -13.17
N ALA B 39 -5.71 -29.06 -13.00
CA ALA B 39 -4.83 -28.19 -13.77
C ALA B 39 -3.37 -28.38 -13.38
N LEU B 40 -3.08 -28.53 -12.09
CA LEU B 40 -1.69 -28.72 -11.64
C LEU B 40 -1.19 -30.13 -11.95
N ALA B 41 -2.10 -31.08 -12.14
CA ALA B 41 -1.70 -32.42 -12.54
C ALA B 41 -1.01 -32.44 -13.90
N LYS B 42 -1.35 -31.50 -14.79
CA LYS B 42 -0.82 -31.53 -16.15
C LYS B 42 0.67 -31.16 -16.15
N PRO B 43 1.38 -31.50 -17.23
CA PRO B 43 2.82 -31.19 -17.28
C PRO B 43 3.09 -29.69 -17.24
N ALA B 44 4.20 -29.33 -16.60
CA ALA B 44 4.62 -27.93 -16.48
C ALA B 44 6.08 -27.81 -16.84
N ALA B 45 6.36 -27.09 -17.90
CA ALA B 45 7.74 -26.83 -18.29
C ALA B 45 8.45 -25.98 -17.24
N GLN B 46 9.77 -25.93 -17.35
CA GLN B 46 10.59 -24.90 -16.72
C GLN B 46 10.35 -24.72 -15.21
N GLN B 47 9.67 -25.67 -14.57
CA GLN B 47 9.50 -25.58 -13.14
C GLN B 47 10.83 -25.83 -12.44
N PRO B 48 10.99 -25.34 -11.22
CA PRO B 48 12.25 -25.54 -10.50
C PRO B 48 12.33 -26.94 -9.92
N THR B 49 13.53 -27.52 -10.03
CA THR B 49 13.81 -28.78 -9.35
C THR B 49 14.20 -28.46 -7.91
N TRP B 50 13.39 -28.95 -6.96
CA TRP B 50 13.76 -28.89 -5.55
C TRP B 50 12.84 -29.81 -4.78
N PRO B 51 13.28 -30.31 -3.62
CA PRO B 51 12.51 -31.31 -2.87
C PRO B 51 11.05 -30.94 -2.69
N ALA B 52 10.15 -31.81 -3.14
CA ALA B 52 8.72 -31.55 -3.07
C ALA B 52 8.24 -31.37 -1.63
N ASP B 53 9.00 -31.84 -0.64
CA ASP B 53 8.60 -31.65 0.74
C ASP B 53 9.09 -30.32 1.31
N GLN B 54 10.21 -29.80 0.81
CA GLN B 54 10.64 -28.45 1.18
C GLN B 54 9.74 -27.41 0.52
N ALA B 55 9.52 -27.54 -0.79
CA ALA B 55 8.56 -26.68 -1.47
C ALA B 55 7.22 -26.68 -0.75
N LEU B 56 6.78 -27.84 -0.26
CA LEU B 56 5.51 -27.91 0.45
C LEU B 56 5.56 -27.16 1.77
N ALA B 57 6.71 -27.13 2.44
CA ALA B 57 6.84 -26.32 3.65
C ALA B 57 6.68 -24.85 3.33
N MET B 58 7.41 -24.37 2.31
CA MET B 58 7.30 -22.99 1.86
C MET B 58 5.84 -22.64 1.58
N ARG B 59 5.18 -23.39 0.71
CA ARG B 59 3.81 -23.08 0.34
C ARG B 59 2.88 -23.00 1.54
N THR B 60 3.24 -23.63 2.66
CA THR B 60 2.38 -23.57 3.85
C THR B 60 2.56 -22.25 4.57
N VAL B 61 3.80 -21.77 4.65
CA VAL B 61 4.06 -20.38 5.05
C VAL B 61 3.23 -19.45 4.20
N LEU B 62 3.46 -19.49 2.88
CA LEU B 62 2.86 -18.54 1.95
C LEU B 62 1.34 -18.61 1.91
N GLU B 63 0.73 -19.66 2.45
CA GLU B 63 -0.72 -19.79 2.41
C GLU B 63 -1.43 -19.00 3.51
N SER B 64 -0.68 -18.39 4.44
CA SER B 64 -1.27 -17.58 5.49
C SER B 64 -0.86 -16.12 5.46
N VAL B 65 0.19 -15.78 4.72
CA VAL B 65 0.76 -14.44 4.67
C VAL B 65 -0.30 -13.45 4.17
N PRO B 66 -0.22 -12.18 4.55
CA PRO B 66 -1.09 -11.16 3.95
C PRO B 66 -0.88 -11.08 2.44
N PRO B 67 -1.95 -11.01 1.65
CA PRO B 67 -1.78 -11.03 0.19
C PRO B 67 -1.02 -9.82 -0.31
N VAL B 68 -0.42 -9.99 -1.49
CA VAL B 68 0.22 -8.86 -2.17
C VAL B 68 -0.82 -7.96 -2.82
N THR B 69 -1.96 -8.52 -3.23
CA THR B 69 -3.06 -7.78 -3.82
C THR B 69 -4.35 -8.27 -3.21
N VAL B 70 -5.46 -7.65 -3.59
CA VAL B 70 -6.77 -8.08 -3.09
C VAL B 70 -7.75 -8.12 -4.24
N PRO B 71 -8.79 -8.94 -4.10
CA PRO B 71 -9.68 -9.17 -5.26
C PRO B 71 -10.30 -7.91 -5.83
N SER B 72 -10.80 -7.01 -4.97
CA SER B 72 -11.44 -5.80 -5.49
C SER B 72 -10.53 -5.06 -6.46
N GLU B 73 -9.21 -5.14 -6.28
CA GLU B 73 -8.30 -4.43 -7.18
C GLU B 73 -8.19 -5.13 -8.53
N ILE B 74 -8.30 -6.46 -8.53
CA ILE B 74 -8.21 -7.24 -9.77
C ILE B 74 -9.48 -7.06 -10.59
N VAL B 75 -10.63 -7.03 -9.93
CA VAL B 75 -11.89 -6.72 -10.60
C VAL B 75 -11.84 -5.32 -11.21
N ARG B 76 -11.24 -4.36 -10.49
CA ARG B 76 -11.14 -3.01 -11.02
C ARG B 76 -10.24 -2.98 -12.25
N LEU B 77 -9.12 -3.69 -12.21
CA LEU B 77 -8.24 -3.76 -13.38
C LEU B 77 -8.94 -4.45 -14.54
N GLN B 78 -9.70 -5.50 -14.24
CA GLN B 78 -10.46 -6.18 -15.30
C GLN B 78 -11.36 -5.20 -16.03
N GLU B 79 -11.96 -4.26 -15.29
CA GLU B 79 -12.86 -3.28 -15.90
C GLU B 79 -12.11 -2.28 -16.75
N GLN B 80 -10.97 -1.81 -16.24
CA GLN B 80 -10.16 -0.89 -17.04
C GLN B 80 -9.59 -1.59 -18.26
N LEU B 81 -9.24 -2.88 -18.13
CA LEU B 81 -8.70 -3.60 -19.28
C LEU B 81 -9.79 -3.87 -20.32
N ALA B 82 -11.04 -4.01 -19.88
CA ALA B 82 -12.16 -4.12 -20.81
C ALA B 82 -12.25 -2.88 -21.69
N GLN B 83 -12.00 -1.71 -21.12
CA GLN B 83 -11.97 -0.49 -21.92
C GLN B 83 -10.81 -0.49 -22.90
N VAL B 84 -9.69 -1.10 -22.55
CA VAL B 84 -8.59 -1.25 -23.50
C VAL B 84 -9.03 -2.17 -24.63
N ALA B 85 -9.50 -3.36 -24.28
CA ALA B 85 -10.01 -4.30 -25.27
C ALA B 85 -10.90 -3.60 -26.28
N LYS B 86 -11.85 -2.82 -25.78
CA LYS B 86 -12.88 -2.20 -26.59
C LYS B 86 -12.39 -0.96 -27.36
N GLY B 87 -11.10 -0.67 -27.36
CA GLY B 87 -10.60 0.43 -28.14
C GLY B 87 -10.63 1.78 -27.46
N GLU B 88 -10.85 1.80 -26.15
CA GLU B 88 -11.11 3.03 -25.43
C GLU B 88 -10.06 3.36 -24.38
N ALA B 89 -9.01 2.54 -24.23
CA ALA B 89 -7.88 2.87 -23.39
C ALA B 89 -6.66 2.11 -23.90
N PHE B 90 -5.52 2.33 -23.24
CA PHE B 90 -4.23 1.83 -23.72
C PHE B 90 -3.45 1.25 -22.56
N LEU B 91 -2.83 0.09 -22.78
CA LEU B 91 -2.12 -0.65 -21.75
C LEU B 91 -0.62 -0.38 -21.84
N LEU B 92 -0.05 0.13 -20.76
CA LEU B 92 1.40 0.29 -20.63
C LEU B 92 1.85 -0.68 -19.55
N GLN B 93 2.66 -1.66 -19.95
CA GLN B 93 3.22 -2.64 -19.02
C GLN B 93 4.73 -2.55 -19.09
N GLY B 94 5.38 -2.39 -17.94
CA GLY B 94 6.81 -2.10 -17.95
C GLY B 94 7.44 -2.35 -16.60
N GLY B 95 8.77 -2.43 -16.60
CA GLY B 95 9.54 -2.70 -15.40
C GLY B 95 10.81 -3.46 -15.70
N ASP B 96 11.50 -3.85 -14.63
CA ASP B 96 12.71 -4.66 -14.78
C ASP B 96 12.39 -5.96 -15.50
N CYS B 97 13.37 -6.47 -16.26
CA CYS B 97 13.21 -7.80 -16.83
C CYS B 97 13.10 -8.84 -15.72
N ALA B 98 14.08 -8.88 -14.84
CA ALA B 98 14.06 -9.75 -13.67
C ALA B 98 14.33 -8.90 -12.44
N GLU B 99 13.45 -9.01 -11.46
CA GLU B 99 13.67 -8.36 -10.17
C GLU B 99 14.69 -9.17 -9.36
N THR B 100 15.62 -8.45 -8.74
CA THR B 100 16.58 -9.07 -7.85
C THR B 100 16.29 -8.66 -6.41
N PHE B 101 16.35 -9.63 -5.50
CA PHE B 101 16.34 -9.30 -4.09
C PHE B 101 17.42 -8.30 -3.73
N MET B 102 18.48 -8.23 -4.54
CA MET B 102 19.57 -7.29 -4.29
C MET B 102 19.12 -5.86 -4.51
N ASP B 103 18.42 -5.61 -5.62
CA ASP B 103 18.03 -4.25 -6.01
C ASP B 103 16.65 -3.87 -5.49
N ASN B 104 16.03 -4.68 -4.64
CA ASN B 104 14.72 -4.37 -4.08
C ASN B 104 14.90 -3.27 -3.05
N THR B 105 15.12 -2.06 -3.56
CA THR B 105 15.46 -0.89 -2.76
C THR B 105 14.60 0.30 -3.16
N GLU B 106 14.37 1.21 -2.22
CA GLU B 106 13.56 2.40 -2.50
C GLU B 106 14.03 3.15 -3.73
N PRO B 107 15.31 3.52 -3.88
CA PRO B 107 15.69 4.33 -5.05
C PRO B 107 15.39 3.63 -6.36
N HIS B 108 15.48 2.31 -6.37
CA HIS B 108 15.24 1.53 -7.58
C HIS B 108 13.75 1.46 -7.88
N ILE B 109 12.94 1.15 -6.87
CA ILE B 109 11.50 1.16 -7.01
C ILE B 109 11.01 2.55 -7.41
N ARG B 110 11.44 3.58 -6.68
CA ARG B 110 11.00 4.93 -6.98
C ARG B 110 11.29 5.30 -8.43
N GLY B 111 12.48 4.94 -8.92
CA GLY B 111 12.85 5.30 -10.28
C GLY B 111 12.11 4.50 -11.34
N ASN B 112 11.69 3.28 -10.99
CA ASN B 112 10.87 2.50 -11.91
C ASN B 112 9.42 2.97 -11.90
N VAL B 113 8.90 3.35 -10.73
CA VAL B 113 7.58 3.97 -10.66
C VAL B 113 7.58 5.28 -11.43
N ARG B 114 8.58 6.14 -11.17
CA ARG B 114 8.69 7.41 -11.87
C ARG B 114 8.76 7.18 -13.38
N ALA B 115 9.57 6.21 -13.79
CA ALA B 115 9.73 5.94 -15.22
C ALA B 115 8.40 5.54 -15.84
N LEU B 116 7.62 4.72 -15.14
CA LEU B 116 6.33 4.30 -15.70
C LEU B 116 5.37 5.47 -15.74
N LEU B 117 5.30 6.25 -14.66
CA LEU B 117 4.38 7.38 -14.62
C LEU B 117 4.70 8.40 -15.70
N GLN B 118 5.99 8.63 -15.96
CA GLN B 118 6.38 9.55 -17.03
C GLN B 118 5.91 9.06 -18.38
N MET B 119 6.20 7.80 -18.71
CA MET B 119 5.76 7.25 -19.99
C MET B 119 4.24 7.28 -20.12
N ALA B 120 3.53 7.20 -19.00
CA ALA B 120 2.06 7.15 -19.05
C ALA B 120 1.48 8.52 -19.42
N VAL B 121 2.05 9.62 -18.91
CA VAL B 121 1.55 10.94 -19.28
C VAL B 121 1.73 11.15 -20.78
N VAL B 122 2.93 10.84 -21.29
CA VAL B 122 3.23 10.99 -22.71
C VAL B 122 2.27 10.12 -23.53
N LEU B 123 2.12 8.85 -23.12
CA LEU B 123 1.25 7.96 -23.88
C LEU B 123 -0.20 8.41 -23.80
N THR B 124 -0.61 8.92 -22.64
CA THR B 124 -2.00 9.35 -22.49
C THR B 124 -2.31 10.50 -23.44
N TYR B 125 -1.44 11.50 -23.49
CA TYR B 125 -1.67 12.61 -24.41
C TYR B 125 -1.68 12.12 -25.85
N GLY B 126 -0.75 11.23 -26.20
CA GLY B 126 -0.72 10.69 -27.56
C GLY B 126 -1.97 9.92 -27.91
N ALA B 127 -2.39 9.01 -27.03
CA ALA B 127 -3.58 8.20 -27.30
C ALA B 127 -4.87 8.98 -27.13
N SER B 128 -4.82 10.17 -26.54
CA SER B 128 -6.05 10.90 -26.20
C SER B 128 -7.08 9.97 -25.55
N MET B 129 -6.59 9.07 -24.70
CA MET B 129 -7.46 8.20 -23.92
C MET B 129 -6.66 7.63 -22.77
N PRO B 130 -7.32 7.02 -21.78
CA PRO B 130 -6.63 6.65 -20.55
C PRO B 130 -5.64 5.54 -20.78
N VAL B 131 -4.56 5.57 -19.99
CA VAL B 131 -3.52 4.55 -20.01
C VAL B 131 -3.63 3.77 -18.71
N VAL B 132 -3.68 2.44 -18.83
CA VAL B 132 -3.65 1.55 -17.67
C VAL B 132 -2.19 1.20 -17.41
N LYS B 133 -1.71 1.46 -16.20
CA LYS B 133 -0.31 1.25 -15.86
C LYS B 133 -0.17 -0.05 -15.10
N VAL B 134 0.66 -0.96 -15.63
CA VAL B 134 0.96 -2.23 -14.99
C VAL B 134 2.46 -2.39 -14.96
N ALA B 135 2.99 -2.63 -13.76
CA ALA B 135 4.43 -2.74 -13.58
C ALA B 135 4.86 -4.20 -13.52
N ARG B 136 5.99 -4.50 -14.15
CA ARG B 136 6.69 -5.76 -13.91
C ARG B 136 7.45 -5.55 -12.60
N ILE B 137 6.81 -5.96 -11.50
CA ILE B 137 7.31 -5.63 -10.17
C ILE B 137 6.55 -6.49 -9.16
N ALA B 138 7.16 -6.68 -7.99
CA ALA B 138 6.52 -7.33 -6.85
C ALA B 138 6.24 -8.81 -7.13
N GLY B 139 7.16 -9.47 -7.84
CA GLY B 139 7.00 -10.89 -8.11
C GLY B 139 7.78 -11.43 -9.29
N GLN B 140 8.37 -10.54 -10.09
CA GLN B 140 9.11 -10.95 -11.29
C GLN B 140 10.47 -11.48 -10.87
N TYR B 141 10.44 -12.60 -10.15
CA TYR B 141 11.63 -13.19 -9.55
C TYR B 141 11.95 -14.57 -10.13
N ALA B 142 11.59 -14.81 -11.39
CA ALA B 142 11.70 -16.15 -11.96
C ALA B 142 11.65 -16.03 -13.48
N LYS B 143 12.55 -16.72 -14.16
CA LYS B 143 12.54 -16.74 -15.61
C LYS B 143 12.76 -18.15 -16.13
N PRO B 144 12.36 -18.41 -17.37
CA PRO B 144 12.71 -19.68 -18.02
C PRO B 144 14.06 -19.60 -18.71
N ARG B 145 14.69 -20.76 -18.84
CA ARG B 145 15.99 -20.85 -19.50
C ARG B 145 15.92 -21.86 -20.63
N SER B 146 16.42 -21.44 -21.80
CA SER B 146 16.44 -22.33 -22.97
C SER B 146 17.35 -23.53 -22.72
N ALA B 147 18.54 -23.27 -22.18
CA ALA B 147 19.50 -24.30 -21.82
C ALA B 147 19.61 -24.38 -20.30
N ASP B 148 19.80 -25.59 -19.77
CA ASP B 148 19.96 -25.79 -18.34
C ASP B 148 21.41 -25.67 -17.88
N ILE B 149 22.33 -25.34 -18.78
CA ILE B 149 23.72 -25.03 -18.44
C ILE B 149 24.14 -23.82 -19.25
N ASP B 150 24.80 -22.87 -18.59
CA ASP B 150 24.96 -21.53 -19.14
C ASP B 150 26.35 -21.36 -19.76
N ALA B 151 26.77 -20.11 -19.93
CA ALA B 151 28.00 -19.81 -20.65
C ALA B 151 29.22 -20.43 -19.98
N LEU B 152 29.29 -20.36 -18.65
CA LEU B 152 30.44 -20.83 -17.89
C LEU B 152 30.25 -22.25 -17.36
N GLY B 153 29.56 -23.10 -18.12
CA GLY B 153 29.38 -24.49 -17.76
C GLY B 153 28.64 -24.72 -16.46
N LEU B 154 27.98 -23.68 -15.97
CA LEU B 154 27.29 -23.72 -14.69
C LEU B 154 25.80 -23.98 -14.88
N ARG B 155 25.18 -24.56 -13.85
CA ARG B 155 23.73 -24.61 -13.79
C ARG B 155 23.17 -23.22 -14.00
N SER B 156 22.06 -23.14 -14.72
CA SER B 156 21.54 -21.85 -15.18
C SER B 156 20.86 -21.07 -14.06
N TYR B 157 21.03 -19.76 -14.08
CA TYR B 157 20.30 -18.86 -13.21
C TYR B 157 18.88 -18.67 -13.73
N ARG B 158 17.90 -18.85 -12.85
CA ARG B 158 16.49 -18.85 -13.22
C ARG B 158 15.71 -17.72 -12.53
N GLY B 159 16.37 -16.70 -12.03
CA GLY B 159 15.72 -15.69 -11.20
C GLY B 159 15.76 -16.04 -9.73
N ASP B 160 15.82 -14.99 -8.90
CA ASP B 160 16.08 -15.16 -7.46
C ASP B 160 14.98 -15.93 -6.74
N MET B 161 13.82 -16.15 -7.35
CA MET B 161 12.87 -17.07 -6.76
C MET B 161 13.40 -18.50 -6.74
N ILE B 162 14.50 -18.77 -7.45
CA ILE B 162 14.97 -20.12 -7.70
C ILE B 162 16.42 -20.28 -7.25
N ASN B 163 17.31 -19.45 -7.76
CA ASN B 163 18.75 -19.59 -7.47
C ASN B 163 19.42 -18.24 -7.61
N GLY B 164 20.76 -18.23 -7.53
CA GLY B 164 21.52 -17.00 -7.40
C GLY B 164 22.21 -16.61 -8.70
N PHE B 165 22.10 -15.33 -9.03
CA PHE B 165 22.84 -14.75 -10.15
C PHE B 165 24.35 -14.95 -9.99
N ALA B 166 24.82 -15.12 -8.75
CA ALA B 166 26.24 -15.31 -8.52
C ALA B 166 26.74 -16.52 -9.31
N PRO B 167 27.93 -16.42 -9.97
CA PRO B 167 28.39 -17.47 -10.89
C PRO B 167 29.20 -18.57 -10.20
N ASP B 168 28.65 -19.14 -9.14
CA ASP B 168 29.26 -20.25 -8.43
C ASP B 168 28.37 -21.48 -8.52
N ALA B 169 28.99 -22.65 -8.46
CA ALA B 169 28.23 -23.89 -8.45
C ALA B 169 27.24 -23.94 -7.30
N ALA B 170 27.58 -23.32 -6.17
CA ALA B 170 26.72 -23.36 -5.01
C ALA B 170 25.55 -22.38 -5.14
N ALA B 171 25.77 -21.24 -5.79
CA ALA B 171 24.71 -20.24 -5.93
C ALA B 171 23.62 -20.69 -6.90
N ARG B 172 23.99 -21.45 -7.93
CA ARG B 172 23.06 -21.90 -8.94
C ARG B 172 22.27 -23.13 -8.53
N GLU B 173 22.27 -23.50 -7.25
CA GLU B 173 21.42 -24.56 -6.76
C GLU B 173 20.02 -24.01 -6.45
N HIS B 174 19.00 -24.79 -6.79
CA HIS B 174 17.61 -24.34 -6.65
C HIS B 174 17.21 -24.45 -5.18
N ASP B 175 16.99 -23.30 -4.55
CA ASP B 175 16.75 -23.22 -3.11
C ASP B 175 15.28 -22.91 -2.84
N PRO B 176 14.48 -23.85 -2.32
CA PRO B 176 13.05 -23.55 -2.12
C PRO B 176 12.77 -22.45 -1.13
N SER B 177 13.69 -22.14 -0.22
CA SER B 177 13.45 -21.03 0.70
C SER B 177 13.28 -19.72 -0.05
N ARG B 178 13.83 -19.60 -1.26
CA ARG B 178 13.65 -18.40 -2.07
C ARG B 178 12.20 -18.17 -2.47
N LEU B 179 11.27 -19.09 -2.18
CA LEU B 179 9.85 -18.79 -2.34
C LEU B 179 9.39 -17.74 -1.32
N VAL B 180 9.69 -17.96 -0.04
CA VAL B 180 9.35 -16.99 1.00
C VAL B 180 10.13 -15.70 0.79
N ARG B 181 11.44 -15.81 0.54
CA ARG B 181 12.23 -14.62 0.30
C ARG B 181 11.65 -13.79 -0.86
N ALA B 182 11.00 -14.44 -1.81
CA ALA B 182 10.41 -13.72 -2.94
C ALA B 182 9.12 -13.02 -2.54
N TYR B 183 8.26 -13.67 -1.75
CA TYR B 183 7.07 -13.00 -1.26
C TYR B 183 7.43 -11.81 -0.36
N ALA B 184 8.39 -12.01 0.54
CA ALA B 184 8.74 -10.95 1.48
C ALA B 184 9.23 -9.72 0.73
N ASN B 185 10.09 -9.91 -0.26
CA ASN B 185 10.51 -8.80 -1.11
C ASN B 185 9.33 -8.21 -1.87
N ALA B 186 8.41 -9.06 -2.34
CA ALA B 186 7.32 -8.59 -3.19
C ALA B 186 6.40 -7.65 -2.43
N SER B 187 5.89 -8.09 -1.28
CA SER B 187 4.96 -7.26 -0.53
C SER B 187 5.63 -6.01 0.04
N ALA B 188 6.95 -6.04 0.22
CA ALA B 188 7.65 -4.84 0.62
C ALA B 188 7.69 -3.83 -0.53
N ALA B 189 8.09 -4.26 -1.71
CA ALA B 189 8.06 -3.38 -2.86
C ALA B 189 6.65 -2.89 -3.15
N MET B 190 5.64 -3.74 -2.94
CA MET B 190 4.26 -3.32 -3.19
C MET B 190 3.83 -2.25 -2.19
N ASN B 191 4.09 -2.49 -0.90
CA ASN B 191 3.83 -1.46 0.10
C ASN B 191 4.36 -0.10 -0.35
N LEU B 192 5.59 -0.09 -0.86
CA LEU B 192 6.20 1.16 -1.28
C LEU B 192 5.51 1.72 -2.51
N VAL B 193 5.23 0.86 -3.50
CA VAL B 193 4.50 1.29 -4.69
C VAL B 193 3.16 1.93 -4.30
N ARG B 194 2.42 1.28 -3.41
CA ARG B 194 1.18 1.89 -2.93
C ARG B 194 1.44 3.28 -2.35
N ALA B 195 2.47 3.40 -1.52
CA ALA B 195 2.76 4.69 -0.88
C ALA B 195 3.18 5.74 -1.89
N LEU B 196 3.97 5.35 -2.89
CA LEU B 196 4.44 6.32 -3.86
C LEU B 196 3.29 6.85 -4.71
N THR B 197 2.39 5.97 -5.14
CA THR B 197 1.31 6.32 -6.05
C THR B 197 0.20 7.11 -5.36
N SER B 198 0.18 7.14 -4.03
CA SER B 198 -0.76 7.98 -3.30
C SER B 198 -0.08 9.21 -2.70
N SER B 199 1.17 9.49 -3.10
CA SER B 199 1.94 10.64 -2.66
C SER B 199 2.04 11.66 -3.79
N GLY B 200 2.85 12.70 -3.58
CA GLY B 200 3.03 13.72 -4.60
C GLY B 200 3.69 13.21 -5.86
N LEU B 201 4.37 12.06 -5.77
CA LEU B 201 5.02 11.50 -6.95
C LEU B 201 4.02 11.27 -8.07
N ALA B 202 2.76 11.01 -7.73
CA ALA B 202 1.75 10.68 -8.73
C ALA B 202 1.24 11.91 -9.49
N SER B 203 1.37 13.10 -8.92
CA SER B 203 0.86 14.30 -9.56
C SER B 203 1.34 14.45 -10.99
N LEU B 204 0.40 14.63 -11.92
CA LEU B 204 0.74 14.67 -13.34
C LEU B 204 1.69 15.83 -13.66
N HIS B 205 1.47 16.98 -13.03
CA HIS B 205 2.29 18.15 -13.32
C HIS B 205 3.71 17.95 -12.83
N LEU B 206 3.87 17.38 -11.63
CA LEU B 206 5.19 17.01 -11.16
C LEU B 206 5.84 16.00 -12.09
N VAL B 207 5.07 14.99 -12.51
CA VAL B 207 5.63 13.88 -13.28
C VAL B 207 6.12 14.35 -14.64
N HIS B 208 5.43 15.32 -15.26
CA HIS B 208 5.85 15.78 -16.58
C HIS B 208 7.01 16.76 -16.51
N ASP B 209 7.22 17.45 -15.39
CA ASP B 209 8.41 18.28 -15.27
C ASP B 209 9.67 17.42 -15.33
N TRP B 210 9.60 16.21 -14.78
CA TRP B 210 10.68 15.24 -15.01
C TRP B 210 10.89 15.01 -16.50
N ASN B 211 9.82 15.07 -17.30
CA ASN B 211 9.97 14.83 -18.74
C ASN B 211 10.54 16.04 -19.44
N ARG B 212 10.21 17.24 -18.98
CA ARG B 212 10.79 18.42 -19.59
C ARG B 212 12.25 18.59 -19.18
N GLU B 213 12.61 18.08 -18.00
CA GLU B 213 14.03 17.93 -17.67
C GLU B 213 14.73 17.05 -18.70
N PHE B 214 14.15 15.87 -18.97
CA PHE B 214 14.74 14.95 -19.93
C PHE B 214 14.99 15.62 -21.27
N VAL B 215 14.02 16.43 -21.74
CA VAL B 215 14.19 17.11 -23.03
C VAL B 215 15.35 18.10 -22.97
N ARG B 216 15.49 18.80 -21.84
CA ARG B 216 16.58 19.75 -21.70
C ARG B 216 17.93 19.05 -21.71
N THR B 217 18.06 17.96 -20.95
CA THR B 217 19.35 17.30 -20.75
C THR B 217 19.65 16.22 -21.78
N SER B 218 18.71 15.89 -22.67
CA SER B 218 18.98 14.78 -23.57
C SER B 218 19.70 15.25 -24.83
N PRO B 219 20.53 14.39 -25.43
CA PRO B 219 21.07 14.70 -26.76
C PRO B 219 20.00 14.84 -27.82
N ALA B 220 18.89 14.10 -27.69
CA ALA B 220 17.83 14.10 -28.69
C ALA B 220 16.64 14.97 -28.28
N GLY B 221 16.85 15.93 -27.37
CA GLY B 221 15.75 16.77 -26.93
C GLY B 221 14.99 17.38 -28.08
N ALA B 222 15.69 17.77 -29.14
CA ALA B 222 15.05 18.45 -30.25
C ALA B 222 13.98 17.57 -30.89
N ARG B 223 14.24 16.27 -30.99
CA ARG B 223 13.27 15.35 -31.57
C ARG B 223 11.96 15.38 -30.80
N TYR B 224 12.01 15.63 -29.49
CA TYR B 224 10.86 15.45 -28.61
C TYR B 224 10.37 16.73 -27.95
N GLU B 225 10.97 17.89 -28.25
CA GLU B 225 10.64 19.08 -27.48
C GLU B 225 9.27 19.63 -27.84
N ALA B 226 8.93 19.67 -29.13
CA ALA B 226 7.62 20.17 -29.51
C ALA B 226 6.52 19.43 -28.77
N LEU B 227 6.68 18.10 -28.61
CA LEU B 227 5.61 17.32 -28.02
C LEU B 227 5.59 17.45 -26.50
N ALA B 228 6.77 17.42 -25.87
CA ALA B 228 6.81 17.67 -24.43
C ALA B 228 6.21 19.03 -24.11
N THR B 229 6.25 19.97 -25.05
CA THR B 229 5.66 21.28 -24.81
C THR B 229 4.16 21.27 -25.05
N GLU B 230 3.71 20.56 -26.09
CA GLU B 230 2.28 20.35 -26.29
C GLU B 230 1.62 19.74 -25.06
N ILE B 231 2.31 18.79 -24.42
CA ILE B 231 1.79 18.16 -23.21
C ILE B 231 1.77 19.15 -22.07
N ASP B 232 2.86 19.89 -21.89
CA ASP B 232 2.90 20.90 -20.85
C ASP B 232 1.71 21.84 -20.97
N ARG B 233 1.31 22.17 -22.20
CA ARG B 233 0.17 23.05 -22.41
C ARG B 233 -1.15 22.34 -22.17
N GLY B 234 -1.19 21.04 -22.40
CA GLY B 234 -2.36 20.27 -22.03
C GLY B 234 -2.54 20.22 -20.53
N LEU B 235 -1.44 20.06 -19.79
CA LEU B 235 -1.54 20.01 -18.34
C LEU B 235 -1.94 21.37 -17.78
N ARG B 236 -1.31 22.44 -18.25
CA ARG B 236 -1.70 23.77 -17.82
C ARG B 236 -3.14 24.08 -18.22
N PHE B 237 -3.59 23.57 -19.37
CA PHE B 237 -4.97 23.75 -19.78
C PHE B 237 -5.91 23.15 -18.75
N MET B 238 -5.63 21.93 -18.31
CA MET B 238 -6.37 21.31 -17.21
C MET B 238 -6.51 22.28 -16.03
N SER B 239 -5.37 22.69 -15.47
CA SER B 239 -5.39 23.62 -14.33
C SER B 239 -6.23 24.85 -14.63
N ALA B 240 -6.02 25.46 -15.79
CA ALA B 240 -6.73 26.69 -16.11
C ALA B 240 -8.24 26.47 -16.12
N CYS B 241 -8.69 25.24 -16.38
CA CYS B 241 -10.10 24.92 -16.34
C CYS B 241 -10.60 24.58 -14.95
N GLY B 242 -9.72 24.41 -13.97
CA GLY B 242 -10.15 24.21 -12.60
C GLY B 242 -10.01 22.78 -12.10
N VAL B 243 -8.94 22.11 -12.49
CA VAL B 243 -8.67 20.74 -12.06
C VAL B 243 -7.42 20.75 -11.19
N ALA B 244 -7.35 19.79 -10.28
CA ALA B 244 -6.19 19.63 -9.42
C ALA B 244 -6.07 18.21 -8.89
N THR B 250 -3.69 9.26 -6.00
CA THR B 250 -3.99 9.61 -7.38
C THR B 250 -3.82 8.39 -8.29
N ALA B 251 -2.56 8.00 -8.49
CA ALA B 251 -2.19 7.08 -9.54
C ALA B 251 -2.49 5.63 -9.15
N GLU B 252 -2.65 4.80 -10.18
CA GLU B 252 -2.90 3.37 -10.02
C GLU B 252 -1.82 2.63 -10.80
N ILE B 253 -0.99 1.88 -10.09
CA ILE B 253 0.04 1.04 -10.70
C ILE B 253 -0.22 -0.39 -10.23
N TYR B 254 -0.49 -1.27 -11.17
CA TYR B 254 -0.79 -2.66 -10.86
C TYR B 254 0.45 -3.51 -10.98
N ALA B 255 0.46 -4.61 -10.23
CA ALA B 255 1.60 -5.51 -10.18
C ALA B 255 1.39 -6.69 -11.12
N SER B 256 2.44 -7.07 -11.84
CA SER B 256 2.40 -8.25 -12.67
C SER B 256 3.77 -8.91 -12.73
N HIS B 257 3.77 -10.23 -12.88
CA HIS B 257 4.97 -11.02 -13.19
C HIS B 257 4.55 -12.19 -14.06
N GLU B 258 5.53 -12.78 -14.76
CA GLU B 258 5.26 -14.04 -15.46
C GLU B 258 4.95 -15.11 -14.44
N ALA B 259 3.78 -15.74 -14.56
CA ALA B 259 3.44 -16.84 -13.66
C ALA B 259 4.20 -18.06 -14.18
N LEU B 260 5.42 -18.23 -13.68
CA LEU B 260 6.29 -19.32 -14.09
C LEU B 260 6.36 -20.44 -13.07
N VAL B 261 6.30 -20.12 -11.78
CA VAL B 261 6.61 -21.06 -10.70
C VAL B 261 5.30 -21.46 -10.05
N LEU B 262 4.77 -22.62 -10.44
CA LEU B 262 3.43 -23.00 -9.99
C LEU B 262 3.37 -23.19 -8.47
N ASP B 263 4.46 -23.63 -7.84
CA ASP B 263 4.47 -23.72 -6.39
C ASP B 263 4.10 -22.37 -5.75
N TYR B 264 4.74 -21.30 -6.23
CA TYR B 264 4.47 -19.96 -5.73
C TYR B 264 3.03 -19.54 -5.97
N GLU B 265 2.59 -19.57 -7.24
CA GLU B 265 1.24 -19.10 -7.56
C GLU B 265 0.19 -19.90 -6.81
N ARG B 266 0.43 -21.21 -6.63
CA ARG B 266 -0.46 -22.05 -5.83
C ARG B 266 -0.69 -21.47 -4.45
N ALA B 267 0.40 -21.18 -3.74
CA ALA B 267 0.29 -20.72 -2.36
C ALA B 267 -0.45 -19.39 -2.30
N MET B 268 -0.18 -18.50 -3.25
CA MET B 268 -0.76 -17.17 -3.22
C MET B 268 -2.23 -17.15 -3.67
N LEU B 269 -2.81 -18.30 -3.97
CA LEU B 269 -4.23 -18.35 -4.34
C LEU B 269 -5.10 -18.08 -3.13
N ARG B 270 -6.12 -17.24 -3.32
CA ARG B 270 -7.12 -16.99 -2.29
C ARG B 270 -8.50 -17.03 -2.93
N LEU B 271 -9.50 -17.38 -2.12
CA LEU B 271 -10.86 -17.57 -2.58
C LEU B 271 -11.72 -16.39 -2.17
N SER B 272 -12.53 -15.89 -3.09
CA SER B 272 -13.34 -14.71 -2.83
C SER B 272 -14.49 -14.65 -3.84
N ASP B 273 -15.59 -14.04 -3.42
CA ASP B 273 -16.69 -13.78 -4.33
C ASP B 273 -16.22 -12.84 -5.43
N GLY B 274 -16.53 -13.19 -6.68
CA GLY B 274 -15.95 -12.49 -7.81
C GLY B 274 -16.92 -11.65 -8.60
N ASP B 275 -16.65 -11.48 -9.89
CA ASP B 275 -17.46 -10.64 -10.76
C ASP B 275 -18.94 -11.05 -10.75
N ASP B 276 -19.25 -12.30 -10.43
CA ASP B 276 -20.61 -12.81 -10.48
C ASP B 276 -21.18 -13.15 -9.11
N GLY B 277 -20.50 -12.79 -8.03
CA GLY B 277 -20.98 -13.07 -6.70
C GLY B 277 -20.77 -14.49 -6.23
N GLU B 278 -20.48 -15.43 -7.14
CA GLU B 278 -20.11 -16.78 -6.73
C GLU B 278 -18.61 -16.84 -6.44
N PRO B 279 -18.17 -17.75 -5.58
CA PRO B 279 -16.76 -17.78 -5.19
C PRO B 279 -15.84 -18.13 -6.37
N GLN B 280 -14.78 -17.35 -6.54
CA GLN B 280 -13.76 -17.60 -7.54
C GLN B 280 -12.40 -17.65 -6.88
N LEU B 281 -11.41 -18.14 -7.62
CA LEU B 281 -10.03 -18.21 -7.16
C LEU B 281 -9.26 -17.05 -7.78
N PHE B 282 -8.73 -16.19 -6.92
CA PHE B 282 -7.84 -15.12 -7.33
C PHE B 282 -6.41 -15.48 -6.95
N ASP B 283 -5.48 -15.28 -7.87
CA ASP B 283 -4.05 -15.37 -7.58
C ASP B 283 -3.61 -14.00 -7.07
N LEU B 284 -3.32 -13.91 -5.77
CA LEU B 284 -3.03 -12.63 -5.14
C LEU B 284 -1.54 -12.36 -4.97
N SER B 285 -0.69 -13.01 -5.78
CA SER B 285 0.70 -12.59 -5.89
C SER B 285 0.87 -11.36 -6.75
N ALA B 286 -0.20 -10.90 -7.40
CA ALA B 286 -0.15 -9.81 -8.37
C ALA B 286 -1.59 -9.50 -8.75
N HIS B 287 -1.74 -8.50 -9.63
CA HIS B 287 -3.05 -8.19 -10.20
C HIS B 287 -3.27 -8.94 -11.51
N THR B 288 -2.24 -9.03 -12.34
CA THR B 288 -2.29 -9.75 -13.60
C THR B 288 -0.98 -10.51 -13.78
N VAL B 289 -1.05 -11.67 -14.44
CA VAL B 289 0.11 -12.49 -14.76
C VAL B 289 -0.01 -12.98 -16.19
N TRP B 290 1.13 -13.28 -16.79
CA TRP B 290 1.18 -13.77 -18.16
C TRP B 290 1.99 -15.06 -18.24
N ILE B 291 1.50 -16.01 -19.03
CA ILE B 291 2.28 -17.18 -19.40
C ILE B 291 3.17 -16.82 -20.57
N GLY B 292 4.44 -17.25 -20.49
CA GLY B 292 5.42 -16.92 -21.51
C GLY B 292 5.51 -17.96 -22.62
N GLU B 293 6.42 -17.67 -23.56
CA GLU B 293 6.48 -18.45 -24.80
C GLU B 293 6.89 -19.89 -24.55
N ARG B 294 7.78 -20.13 -23.59
CA ARG B 294 8.27 -21.47 -23.29
C ARG B 294 7.39 -22.23 -22.31
N THR B 295 6.20 -21.73 -22.00
CA THR B 295 5.34 -22.39 -21.00
C THR B 295 3.88 -22.43 -21.39
N ARG B 296 3.52 -22.03 -22.61
CA ARG B 296 2.12 -21.94 -23.02
C ARG B 296 1.61 -23.23 -23.63
N GLN B 297 2.13 -24.39 -23.23
CA GLN B 297 1.55 -25.66 -23.63
C GLN B 297 0.04 -25.61 -23.49
N ILE B 298 -0.66 -25.83 -24.60
CA ILE B 298 -2.10 -25.58 -24.61
C ILE B 298 -2.80 -26.51 -23.64
N ASP B 299 -2.33 -27.76 -23.53
CA ASP B 299 -2.85 -28.71 -22.55
C ASP B 299 -1.93 -28.81 -21.33
N GLY B 300 -1.08 -27.79 -21.10
CA GLY B 300 -0.20 -27.79 -19.95
C GLY B 300 -0.84 -27.18 -18.73
N ALA B 301 -0.12 -27.27 -17.60
CA ALA B 301 -0.67 -26.80 -16.33
C ALA B 301 -0.67 -25.28 -16.22
N HIS B 302 0.30 -24.60 -16.84
CA HIS B 302 0.25 -23.14 -16.87
C HIS B 302 -1.05 -22.66 -17.48
N ILE B 303 -1.33 -23.06 -18.73
CA ILE B 303 -2.52 -22.57 -19.39
C ILE B 303 -3.77 -22.96 -18.61
N ALA B 304 -3.73 -24.12 -17.96
CA ALA B 304 -4.90 -24.60 -17.24
C ALA B 304 -5.04 -23.92 -15.88
N PHE B 305 -3.92 -23.58 -15.25
CA PHE B 305 -3.95 -22.70 -14.09
C PHE B 305 -4.62 -21.38 -14.43
N ALA B 306 -4.28 -20.81 -15.59
CA ALA B 306 -4.89 -19.58 -16.05
C ALA B 306 -6.40 -19.69 -16.22
N GLN B 307 -6.94 -20.89 -16.37
CA GLN B 307 -8.37 -21.04 -16.56
C GLN B 307 -9.15 -21.11 -15.25
N VAL B 308 -8.47 -21.30 -14.12
CA VAL B 308 -9.16 -21.34 -12.84
C VAL B 308 -9.15 -19.99 -12.12
N ILE B 309 -8.21 -19.10 -12.46
CA ILE B 309 -8.02 -17.86 -11.72
C ILE B 309 -8.81 -16.74 -12.39
N ALA B 310 -9.30 -15.81 -11.56
CA ALA B 310 -10.06 -14.67 -12.05
C ALA B 310 -9.20 -13.55 -12.62
N ASN B 311 -7.89 -13.58 -12.43
CA ASN B 311 -7.05 -12.46 -12.83
C ASN B 311 -7.11 -12.27 -14.34
N PRO B 312 -7.02 -11.04 -14.82
CA PRO B 312 -6.55 -10.82 -16.19
C PRO B 312 -5.26 -11.58 -16.43
N VAL B 313 -5.19 -12.23 -17.59
CA VAL B 313 -4.03 -13.03 -17.97
C VAL B 313 -3.60 -12.63 -19.36
N GLY B 314 -2.33 -12.87 -19.66
CA GLY B 314 -1.81 -12.67 -20.99
C GLY B 314 -1.00 -13.87 -21.43
N VAL B 315 -0.79 -13.97 -22.74
CA VAL B 315 -0.04 -15.06 -23.36
C VAL B 315 0.93 -14.47 -24.37
N LYS B 316 2.21 -14.81 -24.25
CA LYS B 316 3.18 -14.39 -25.25
C LYS B 316 2.99 -15.22 -26.51
N LEU B 317 2.99 -14.56 -27.66
CA LEU B 317 2.86 -15.20 -28.96
C LEU B 317 4.07 -14.81 -29.80
N GLY B 318 4.93 -15.78 -30.08
CA GLY B 318 6.10 -15.56 -30.91
C GLY B 318 5.88 -16.00 -32.35
N PRO B 319 6.97 -15.99 -33.14
CA PRO B 319 6.81 -16.12 -34.60
C PRO B 319 6.31 -17.47 -35.09
N ASN B 320 6.28 -18.50 -34.26
CA ASN B 320 5.75 -19.79 -34.66
C ASN B 320 4.27 -19.95 -34.30
N MET B 321 3.58 -18.85 -34.07
CA MET B 321 2.17 -18.89 -33.69
C MET B 321 1.28 -18.96 -34.93
N THR B 322 0.27 -19.81 -34.86
CA THR B 322 -0.68 -19.93 -35.96
C THR B 322 -1.99 -19.26 -35.59
N PRO B 323 -2.63 -18.57 -36.53
CA PRO B 323 -3.96 -18.01 -36.26
C PRO B 323 -4.90 -18.98 -35.54
N GLU B 324 -4.73 -20.27 -35.79
CA GLU B 324 -5.66 -21.26 -35.23
C GLU B 324 -5.31 -21.61 -33.79
N LEU B 325 -4.03 -21.67 -33.46
CA LEU B 325 -3.62 -21.83 -32.07
C LEU B 325 -4.04 -20.61 -31.26
N ALA B 326 -3.67 -19.42 -31.73
CA ALA B 326 -4.10 -18.19 -31.09
C ALA B 326 -5.59 -18.24 -30.75
N VAL B 327 -6.41 -18.75 -31.66
CA VAL B 327 -7.86 -18.83 -31.41
C VAL B 327 -8.16 -19.81 -30.29
N GLU B 328 -7.38 -20.90 -30.19
CA GLU B 328 -7.64 -21.89 -29.15
C GLU B 328 -7.34 -21.32 -27.77
N TYR B 329 -6.24 -20.56 -27.65
CA TYR B 329 -5.99 -19.78 -26.44
C TYR B 329 -7.18 -18.91 -26.10
N VAL B 330 -7.65 -18.12 -27.08
CA VAL B 330 -8.78 -17.22 -26.84
C VAL B 330 -10.00 -18.00 -26.34
N GLU B 331 -10.25 -19.18 -26.89
CA GLU B 331 -11.44 -19.93 -26.52
C GLU B 331 -11.29 -20.64 -25.18
N ARG B 332 -10.07 -20.94 -24.76
CA ARG B 332 -9.84 -21.56 -23.46
C ARG B 332 -9.70 -20.54 -22.34
N LEU B 333 -8.95 -19.46 -22.57
CA LEU B 333 -8.69 -18.48 -21.53
C LEU B 333 -9.79 -17.43 -21.40
N ASP B 334 -10.55 -17.16 -22.47
CA ASP B 334 -11.66 -16.22 -22.44
C ASP B 334 -12.96 -16.96 -22.76
N PRO B 335 -13.30 -17.99 -21.97
CA PRO B 335 -14.49 -18.79 -22.30
C PRO B 335 -15.79 -18.01 -22.26
N HIS B 336 -15.89 -16.99 -21.40
CA HIS B 336 -17.14 -16.28 -21.20
C HIS B 336 -17.21 -14.98 -21.99
N ASN B 337 -16.24 -14.73 -22.87
CA ASN B 337 -16.21 -13.48 -23.62
C ASN B 337 -16.32 -12.31 -22.66
N LYS B 338 -15.31 -12.19 -21.79
CA LYS B 338 -15.16 -11.05 -20.90
C LYS B 338 -14.10 -10.13 -21.51
N PRO B 339 -14.48 -9.07 -22.22
CA PRO B 339 -13.47 -8.22 -22.88
C PRO B 339 -12.39 -7.80 -21.89
N GLY B 340 -11.15 -7.98 -22.33
CA GLY B 340 -10.00 -7.57 -21.54
C GLY B 340 -9.49 -8.59 -20.56
N ARG B 341 -10.16 -9.73 -20.41
CA ARG B 341 -9.65 -10.78 -19.52
C ARG B 341 -8.40 -11.42 -20.10
N LEU B 342 -8.27 -11.44 -21.42
CA LEU B 342 -7.13 -12.07 -22.08
C LEU B 342 -6.38 -11.02 -22.89
N THR B 343 -5.07 -10.95 -22.67
CA THR B 343 -4.16 -10.14 -23.46
C THR B 343 -3.31 -11.08 -24.30
N LEU B 344 -3.09 -10.74 -25.56
CA LEU B 344 -2.22 -11.51 -26.45
C LEU B 344 -1.02 -10.64 -26.75
N VAL B 345 0.15 -11.06 -26.27
CA VAL B 345 1.35 -10.23 -26.28
C VAL B 345 2.22 -10.66 -27.46
N SER B 346 2.26 -9.84 -28.49
CA SER B 346 3.02 -10.15 -29.70
C SER B 346 4.49 -9.82 -29.54
N ARG B 347 5.35 -10.79 -29.85
CA ARG B 347 6.81 -10.61 -29.90
C ARG B 347 7.33 -11.41 -31.08
N MET B 348 7.40 -10.76 -32.26
CA MET B 348 7.84 -11.43 -33.47
C MET B 348 9.15 -10.89 -34.03
N GLY B 349 9.67 -9.78 -33.50
CA GLY B 349 10.77 -9.10 -34.15
C GLY B 349 10.25 -8.24 -35.30
N ASN B 350 10.95 -7.15 -35.61
CA ASN B 350 10.39 -6.18 -36.54
C ASN B 350 10.25 -6.75 -37.94
N HIS B 351 11.23 -7.55 -38.38
CA HIS B 351 11.20 -8.08 -39.74
C HIS B 351 10.11 -9.12 -39.94
N LYS B 352 9.46 -9.59 -38.87
CA LYS B 352 8.42 -10.61 -39.00
C LYS B 352 7.02 -10.14 -38.59
N VAL B 353 6.88 -9.04 -37.85
CA VAL B 353 5.58 -8.68 -37.29
C VAL B 353 4.62 -8.29 -38.40
N ARG B 354 5.09 -7.51 -39.37
CA ARG B 354 4.18 -7.02 -40.41
C ARG B 354 3.59 -8.16 -41.21
N ASP B 355 4.30 -9.27 -41.37
CA ASP B 355 3.80 -10.41 -42.13
C ASP B 355 3.04 -11.40 -41.26
N LEU B 356 3.53 -11.67 -40.05
CA LEU B 356 2.95 -12.73 -39.22
C LEU B 356 1.74 -12.29 -38.39
N LEU B 357 1.69 -11.03 -37.98
CA LEU B 357 0.65 -10.62 -37.06
C LEU B 357 -0.73 -10.54 -37.71
N PRO B 358 -0.87 -10.03 -38.94
CA PRO B 358 -2.20 -9.78 -39.50
C PRO B 358 -3.07 -11.02 -39.52
N PRO B 359 -2.59 -12.16 -40.04
CA PRO B 359 -3.45 -13.35 -40.07
C PRO B 359 -3.94 -13.77 -38.70
N ILE B 360 -3.10 -13.63 -37.67
CA ILE B 360 -3.52 -13.94 -36.31
C ILE B 360 -4.64 -13.01 -35.87
N VAL B 361 -4.49 -11.71 -36.13
CA VAL B 361 -5.50 -10.75 -35.73
C VAL B 361 -6.82 -11.04 -36.45
N GLU B 362 -6.75 -11.23 -37.77
CA GLU B 362 -7.97 -11.44 -38.54
C GLU B 362 -8.77 -12.62 -38.01
N LYS B 363 -8.10 -13.72 -37.68
CA LYS B 363 -8.81 -14.91 -37.24
C LYS B 363 -9.32 -14.78 -35.82
N VAL B 364 -8.52 -14.17 -34.93
CA VAL B 364 -8.95 -13.97 -33.55
C VAL B 364 -10.11 -12.98 -33.51
N GLN B 365 -9.95 -11.83 -34.18
CA GLN B 365 -11.01 -10.84 -34.24
C GLN B 365 -12.31 -11.45 -34.75
N ALA B 366 -12.21 -12.45 -35.63
CA ALA B 366 -13.40 -13.06 -36.22
C ALA B 366 -14.22 -13.88 -35.23
N THR B 367 -13.63 -14.30 -34.11
CA THR B 367 -14.35 -15.13 -33.15
C THR B 367 -15.40 -14.35 -32.38
N GLY B 368 -15.34 -13.02 -32.41
CA GLY B 368 -16.17 -12.22 -31.55
C GLY B 368 -15.63 -11.97 -30.16
N HIS B 369 -14.44 -12.48 -29.84
CA HIS B 369 -13.78 -12.21 -28.57
C HIS B 369 -12.98 -10.92 -28.63
N GLN B 370 -13.02 -10.14 -27.56
CA GLN B 370 -12.33 -8.86 -27.50
C GLN B 370 -11.06 -9.03 -26.68
N VAL B 371 -9.96 -9.30 -27.34
CA VAL B 371 -8.68 -9.40 -26.69
C VAL B 371 -7.97 -8.04 -26.74
N ILE B 372 -7.01 -7.87 -25.86
CA ILE B 372 -6.09 -6.74 -25.90
C ILE B 372 -4.89 -7.18 -26.73
N TRP B 373 -4.56 -6.42 -27.76
CA TRP B 373 -3.38 -6.71 -28.58
C TRP B 373 -2.24 -5.88 -28.03
N GLN B 374 -1.37 -6.54 -27.27
CA GLN B 374 -0.22 -5.89 -26.67
C GLN B 374 1.01 -6.22 -27.48
N CYS B 375 1.83 -5.21 -27.74
CA CYS B 375 3.07 -5.40 -28.45
C CYS B 375 4.22 -5.59 -27.47
N ASP B 376 5.13 -6.49 -27.81
CA ASP B 376 6.35 -6.73 -27.04
C ASP B 376 7.51 -6.64 -28.02
N PRO B 377 8.16 -5.48 -28.13
CA PRO B 377 9.20 -5.30 -29.14
C PRO B 377 10.59 -5.65 -28.63
N MET B 378 10.66 -6.43 -27.55
CA MET B 378 11.92 -6.71 -26.88
C MET B 378 12.36 -8.16 -27.08
N HIS B 379 11.50 -9.12 -26.75
CA HIS B 379 11.88 -10.53 -26.76
C HIS B 379 11.93 -11.12 -28.16
N GLY B 380 11.67 -10.34 -29.21
CA GLY B 380 11.87 -10.78 -30.57
C GLY B 380 13.02 -10.09 -31.27
N ASN B 381 13.84 -9.31 -30.54
CA ASN B 381 14.90 -8.53 -31.17
C ASN B 381 16.19 -8.57 -30.35
N THR B 382 16.38 -9.59 -29.52
CA THR B 382 17.64 -9.76 -28.82
C THR B 382 18.69 -10.36 -29.75
N HIS B 383 19.94 -10.04 -29.48
CA HIS B 383 21.05 -10.58 -30.27
C HIS B 383 22.33 -10.41 -29.47
N GLU B 384 23.12 -11.47 -29.38
CA GLU B 384 24.41 -11.38 -28.71
C GLU B 384 25.26 -10.31 -29.38
N SER B 385 26.00 -9.56 -28.58
CA SER B 385 26.84 -8.49 -29.10
C SER B 385 28.25 -8.99 -29.36
N SER B 386 29.02 -8.16 -30.08
CA SER B 386 30.42 -8.45 -30.33
C SER B 386 31.32 -8.18 -29.13
N THR B 387 30.72 -7.97 -27.95
CA THR B 387 31.45 -7.80 -26.70
C THR B 387 31.22 -8.93 -25.72
N GLY B 388 30.34 -9.87 -26.04
CA GLY B 388 29.93 -10.92 -25.13
C GLY B 388 28.61 -10.67 -24.45
N PHE B 389 28.14 -9.42 -24.43
CA PHE B 389 26.89 -9.07 -23.77
C PHE B 389 25.73 -9.17 -24.75
N LYS B 390 24.59 -9.61 -24.23
CA LYS B 390 23.36 -9.71 -25.00
C LYS B 390 22.64 -8.36 -24.98
N THR B 391 22.30 -7.84 -26.17
CA THR B 391 21.81 -6.48 -26.29
C THR B 391 20.68 -6.41 -27.31
N ARG B 392 20.08 -5.23 -27.41
CA ARG B 392 19.01 -4.94 -28.36
C ARG B 392 19.22 -3.55 -28.94
N HIS B 393 18.87 -3.37 -30.21
CA HIS B 393 19.05 -2.10 -30.89
C HIS B 393 17.76 -1.29 -30.80
N PHE B 394 17.88 -0.07 -30.26
CA PHE B 394 16.75 0.85 -30.20
C PHE B 394 15.96 0.87 -31.49
N ASP B 395 16.64 1.04 -32.61
CA ASP B 395 15.95 1.20 -33.89
C ASP B 395 15.16 -0.05 -34.27
N ARG B 396 15.54 -1.22 -33.77
CA ARG B 396 14.77 -2.43 -34.07
C ARG B 396 13.52 -2.51 -33.19
N ILE B 397 13.63 -2.07 -31.94
CA ILE B 397 12.48 -2.02 -31.06
C ILE B 397 11.43 -1.08 -31.64
N VAL B 398 11.84 0.15 -31.97
CA VAL B 398 10.93 1.10 -32.61
C VAL B 398 10.25 0.46 -33.81
N ASP B 399 11.03 -0.23 -34.66
CA ASP B 399 10.46 -0.72 -35.91
C ASP B 399 9.33 -1.71 -35.65
N GLU B 400 9.43 -2.52 -34.59
CA GLU B 400 8.39 -3.53 -34.38
C GLU B 400 7.12 -2.91 -33.83
N VAL B 401 7.25 -1.98 -32.86
CA VAL B 401 6.07 -1.26 -32.40
C VAL B 401 5.43 -0.54 -33.56
N GLN B 402 6.23 0.21 -34.31
CA GLN B 402 5.77 0.83 -35.55
C GLN B 402 5.11 -0.19 -36.45
N GLY B 403 5.84 -1.26 -36.79
CA GLY B 403 5.24 -2.33 -37.57
C GLY B 403 3.98 -2.88 -36.94
N PHE B 404 3.98 -3.01 -35.61
CA PHE B 404 2.77 -3.44 -34.90
C PHE B 404 1.64 -2.45 -35.10
N PHE B 405 1.94 -1.15 -35.09
CA PHE B 405 0.89 -0.16 -35.32
C PHE B 405 0.42 -0.18 -36.77
N GLU B 406 1.36 -0.26 -37.71
CA GLU B 406 1.01 -0.34 -39.12
C GLU B 406 0.02 -1.47 -39.38
N VAL B 407 0.22 -2.63 -38.75
CA VAL B 407 -0.63 -3.78 -39.03
C VAL B 407 -2.04 -3.56 -38.46
N HIS B 408 -2.15 -3.04 -37.23
CA HIS B 408 -3.47 -2.82 -36.65
C HIS B 408 -4.22 -1.71 -37.38
N ARG B 409 -3.52 -0.66 -37.79
CA ARG B 409 -4.17 0.40 -38.55
C ARG B 409 -4.71 -0.14 -39.87
N ALA B 410 -3.97 -1.03 -40.53
CA ALA B 410 -4.42 -1.59 -41.80
C ALA B 410 -5.69 -2.40 -41.62
N LEU B 411 -5.81 -3.09 -40.49
CA LEU B 411 -6.95 -3.97 -40.24
C LEU B 411 -8.11 -3.29 -39.55
N GLY B 412 -7.92 -2.08 -39.01
CA GLY B 412 -8.97 -1.44 -38.26
C GLY B 412 -9.15 -1.94 -36.84
N THR B 413 -8.17 -2.67 -36.31
CA THR B 413 -8.19 -3.18 -34.95
C THR B 413 -7.41 -2.24 -34.03
N HIS B 414 -7.44 -2.54 -32.73
CA HIS B 414 -6.95 -1.61 -31.73
C HIS B 414 -5.52 -1.93 -31.34
N PRO B 415 -4.56 -1.02 -31.55
CA PRO B 415 -3.23 -1.22 -30.94
C PRO B 415 -3.32 -0.99 -29.43
N GLY B 416 -3.46 -2.07 -28.66
CA GLY B 416 -3.96 -1.96 -27.30
C GLY B 416 -2.94 -1.63 -26.22
N GLY B 417 -1.66 -1.70 -26.51
CA GLY B 417 -0.68 -1.44 -25.49
C GLY B 417 0.69 -1.94 -25.91
N ILE B 418 1.66 -1.68 -25.03
CA ILE B 418 3.01 -2.19 -25.19
C ILE B 418 3.42 -2.89 -23.89
N HIS B 419 4.54 -3.62 -23.99
CA HIS B 419 5.09 -4.43 -22.91
C HIS B 419 6.60 -4.32 -23.00
N VAL B 420 7.20 -3.43 -22.21
CA VAL B 420 8.61 -3.10 -22.33
C VAL B 420 9.35 -3.47 -21.04
N GLU B 421 10.65 -3.64 -21.16
CA GLU B 421 11.54 -3.93 -20.05
C GLU B 421 12.46 -2.73 -19.87
N ILE B 422 12.44 -2.15 -18.68
CA ILE B 422 13.04 -0.84 -18.42
C ILE B 422 13.56 -0.77 -17.00
N THR B 423 14.39 0.24 -16.74
CA THR B 423 14.79 0.60 -15.39
C THR B 423 14.82 2.12 -15.29
N GLY B 424 14.75 2.63 -14.06
CA GLY B 424 14.87 4.06 -13.83
C GLY B 424 16.31 4.48 -13.66
N GLU B 425 17.24 3.64 -14.09
CA GLU B 425 18.67 3.86 -13.94
C GLU B 425 19.30 4.10 -15.30
N ASN B 426 20.39 4.85 -15.32
CA ASN B 426 21.08 5.15 -16.57
C ASN B 426 22.03 4.00 -16.94
N VAL B 427 21.52 2.78 -16.94
CA VAL B 427 22.30 1.62 -17.36
C VAL B 427 22.58 1.73 -18.85
N THR B 428 23.52 0.91 -19.34
CA THR B 428 23.84 0.84 -20.77
C THR B 428 23.69 -0.63 -21.19
N GLU B 429 22.45 -1.02 -21.47
CA GLU B 429 22.13 -2.40 -21.83
C GLU B 429 21.54 -2.53 -23.22
N CYS B 430 21.01 -1.46 -23.79
CA CYS B 430 20.48 -1.46 -25.16
C CYS B 430 21.24 -0.44 -26.00
N LEU B 431 21.42 -0.77 -27.27
CA LEU B 431 22.19 0.08 -28.18
C LEU B 431 21.34 1.27 -28.64
N GLY B 432 22.01 2.19 -29.33
CA GLY B 432 21.32 3.29 -30.00
C GLY B 432 20.58 4.17 -29.04
N GLY B 433 19.55 4.84 -29.57
CA GLY B 433 18.82 5.84 -28.82
C GLY B 433 19.45 7.22 -28.97
N ALA B 434 19.11 8.09 -28.02
CA ALA B 434 19.67 9.43 -28.01
C ALA B 434 21.15 9.42 -27.61
N GLN B 435 21.57 8.42 -26.85
CA GLN B 435 22.94 8.33 -26.36
C GLN B 435 23.86 7.55 -27.30
N ASP B 436 23.37 7.16 -28.49
CA ASP B 436 24.09 6.29 -29.41
C ASP B 436 24.92 5.27 -28.65
N ILE B 437 24.32 4.61 -27.66
CA ILE B 437 25.03 3.59 -26.88
C ILE B 437 25.58 2.55 -27.84
N SER B 438 26.91 2.42 -27.86
CA SER B 438 27.60 1.54 -28.79
C SER B 438 27.95 0.22 -28.13
N GLU B 439 28.48 -0.70 -28.93
CA GLU B 439 28.82 -2.04 -28.45
C GLU B 439 29.97 -2.02 -27.45
N THR B 440 30.80 -0.98 -27.46
CA THR B 440 31.86 -0.83 -26.47
C THR B 440 31.38 -0.16 -25.20
N ASP B 441 30.16 0.37 -25.18
CA ASP B 441 29.58 0.96 -23.97
C ASP B 441 28.81 -0.05 -23.13
N LEU B 442 28.32 -1.14 -23.72
CA LEU B 442 27.47 -2.09 -23.02
C LEU B 442 28.14 -2.73 -21.81
N ALA B 443 29.42 -2.43 -21.58
CA ALA B 443 30.15 -2.93 -20.43
C ALA B 443 30.26 -1.92 -19.30
N GLY B 444 29.91 -0.66 -19.55
CA GLY B 444 30.06 0.37 -18.53
C GLY B 444 29.00 0.32 -17.45
N ARG B 445 27.78 -0.06 -17.80
CA ARG B 445 26.68 -0.09 -16.85
C ARG B 445 25.68 -1.18 -17.25
N TYR B 446 26.15 -2.43 -17.30
CA TYR B 446 25.29 -3.57 -17.61
C TYR B 446 24.81 -4.17 -16.28
N GLU B 447 23.78 -3.54 -15.72
CA GLU B 447 23.28 -3.92 -14.39
C GLU B 447 22.37 -5.15 -14.43
N THR B 448 21.70 -5.40 -15.55
CA THR B 448 20.56 -6.31 -15.56
C THR B 448 20.96 -7.71 -15.12
N ALA B 449 20.01 -8.40 -14.47
CA ALA B 449 20.18 -9.79 -14.07
C ALA B 449 19.77 -10.76 -15.17
N CYS B 450 19.08 -10.30 -16.21
CA CYS B 450 18.73 -11.18 -17.32
C CYS B 450 18.87 -10.46 -18.66
N ASP B 451 17.81 -9.81 -19.12
CA ASP B 451 17.82 -9.27 -20.47
C ASP B 451 18.10 -7.77 -20.45
N PRO B 452 18.55 -7.21 -21.57
CA PRO B 452 18.97 -5.79 -21.59
C PRO B 452 17.78 -4.85 -21.53
N ARG B 453 17.70 -4.09 -20.45
CA ARG B 453 16.64 -3.11 -20.26
C ARG B 453 17.01 -1.79 -20.93
N LEU B 454 16.00 -1.12 -21.46
CA LEU B 454 16.17 0.26 -21.88
C LEU B 454 16.37 1.14 -20.66
N ASN B 455 17.46 1.91 -20.64
CA ASN B 455 17.63 2.87 -19.56
C ASN B 455 16.51 3.91 -19.62
N THR B 456 16.45 4.75 -18.59
CA THR B 456 15.35 5.71 -18.51
C THR B 456 15.30 6.60 -19.75
N GLN B 457 16.46 7.00 -20.28
CA GLN B 457 16.48 7.87 -21.45
C GLN B 457 15.80 7.20 -22.65
N GLN B 458 16.07 5.91 -22.87
CA GLN B 458 15.46 5.20 -23.98
C GLN B 458 14.00 4.86 -23.68
N SER B 459 13.66 4.65 -22.41
CA SER B 459 12.26 4.47 -22.02
C SER B 459 11.40 5.62 -22.52
N LEU B 460 11.75 6.85 -22.12
CA LEU B 460 10.94 8.01 -22.49
C LEU B 460 10.99 8.25 -23.99
N GLU B 461 12.17 8.11 -24.60
CA GLU B 461 12.27 8.21 -26.05
C GLU B 461 11.20 7.34 -26.72
N LEU B 462 11.12 6.07 -26.33
CA LEU B 462 10.13 5.18 -26.93
C LEU B 462 8.71 5.66 -26.63
N ALA B 463 8.46 6.08 -25.38
CA ALA B 463 7.14 6.57 -25.01
C ALA B 463 6.73 7.74 -25.88
N PHE B 464 7.67 8.66 -26.15
CA PHE B 464 7.38 9.76 -27.05
C PHE B 464 7.06 9.25 -28.44
N LEU B 465 7.88 8.33 -28.94
CA LEU B 465 7.68 7.82 -30.29
C LEU B 465 6.38 7.03 -30.38
N VAL B 466 6.11 6.16 -29.41
CA VAL B 466 4.86 5.41 -29.45
C VAL B 466 3.67 6.37 -29.33
N ALA B 467 3.86 7.48 -28.62
CA ALA B 467 2.81 8.50 -28.56
C ALA B 467 2.56 9.11 -29.94
N GLU B 468 3.62 9.37 -30.71
CA GLU B 468 3.44 9.84 -32.08
C GLU B 468 2.64 8.84 -32.90
N MET B 469 2.90 7.53 -32.72
CA MET B 469 2.16 6.52 -33.48
C MET B 469 0.69 6.53 -33.11
N LEU B 470 0.37 6.85 -31.85
CA LEU B 470 -1.00 6.80 -31.37
C LEU B 470 -1.87 7.93 -31.91
N ARG B 471 -1.28 8.97 -32.47
CA ARG B 471 -1.97 10.25 -32.68
C ARG B 471 -3.24 10.15 -33.54
N ASP B 472 -3.08 9.82 -34.81
CA ASP B 472 -4.19 9.90 -35.75
C ASP B 472 -4.78 8.52 -36.09
N GLU C 13 -66.71 15.04 26.98
CA GLU C 13 -65.96 13.88 27.43
C GLU C 13 -64.46 14.15 27.40
N ILE C 14 -64.00 14.69 26.26
CA ILE C 14 -62.58 15.00 26.12
C ILE C 14 -62.10 15.88 27.26
N ASP C 15 -62.93 16.85 27.64
CA ASP C 15 -62.62 17.69 28.80
C ASP C 15 -62.47 16.88 30.08
N THR C 16 -62.88 15.61 30.07
CA THR C 16 -62.73 14.73 31.23
C THR C 16 -61.39 14.01 31.17
N LEU C 17 -61.22 13.15 30.16
CA LEU C 17 -59.99 12.36 30.04
C LEU C 17 -58.76 13.24 30.11
N ARG C 18 -58.81 14.41 29.44
CA ARG C 18 -57.69 15.34 29.52
C ARG C 18 -57.44 15.82 30.94
N GLU C 19 -58.45 15.78 31.82
CA GLU C 19 -58.27 16.20 33.19
C GLU C 19 -57.74 15.09 34.09
N GLU C 20 -57.85 13.83 33.66
CA GLU C 20 -57.10 12.77 34.35
C GLU C 20 -55.68 12.68 33.79
N ILE C 21 -55.50 12.87 32.49
CA ILE C 21 -54.16 12.97 31.93
C ILE C 21 -53.42 14.14 32.57
N ASP C 22 -54.15 15.15 33.04
CA ASP C 22 -53.51 16.22 33.80
C ASP C 22 -52.91 15.68 35.09
N ARG C 23 -53.60 14.74 35.75
CA ARG C 23 -53.10 14.14 36.98
C ARG C 23 -52.18 12.95 36.71
N LEU C 24 -52.19 12.39 35.50
CA LEU C 24 -51.18 11.41 35.13
C LEU C 24 -49.82 12.06 34.94
N ASP C 25 -49.79 13.21 34.26
CA ASP C 25 -48.52 13.89 33.99
C ASP C 25 -47.94 14.56 35.22
N ALA C 26 -48.76 14.86 36.23
CA ALA C 26 -48.23 15.42 37.47
C ALA C 26 -47.70 14.34 38.39
N GLU C 27 -48.32 13.16 38.38
CA GLU C 27 -47.77 12.02 39.11
C GLU C 27 -46.51 11.50 38.42
N ILE C 28 -46.55 11.39 37.09
CA ILE C 28 -45.36 11.00 36.34
C ILE C 28 -44.22 12.00 36.59
N LEU C 29 -44.52 13.29 36.43
CA LEU C 29 -43.51 14.32 36.63
C LEU C 29 -43.01 14.36 38.07
N ALA C 30 -43.73 13.72 39.00
CA ALA C 30 -43.27 13.62 40.37
C ALA C 30 -42.40 12.38 40.59
N LEU C 31 -42.81 11.23 40.05
CA LEU C 31 -42.00 10.03 40.16
C LEU C 31 -40.65 10.20 39.49
N VAL C 32 -40.65 10.63 38.22
CA VAL C 32 -39.40 10.88 37.50
C VAL C 32 -38.55 11.87 38.29
N LYS C 33 -39.14 13.01 38.66
CA LYS C 33 -38.43 14.01 39.44
C LYS C 33 -37.80 13.39 40.70
N ARG C 34 -38.41 12.33 41.22
CA ARG C 34 -37.83 11.61 42.35
C ARG C 34 -36.62 10.80 41.91
N ARG C 35 -36.85 9.83 41.03
CA ARG C 35 -35.82 8.91 40.53
C ARG C 35 -34.50 9.63 40.26
N ALA C 36 -34.58 10.91 39.87
CA ALA C 36 -33.38 11.70 39.63
C ALA C 36 -32.50 11.74 40.87
N GLU C 37 -32.97 12.43 41.91
CA GLU C 37 -32.16 12.58 43.11
C GLU C 37 -31.81 11.25 43.76
N VAL C 38 -32.62 10.21 43.52
CA VAL C 38 -32.32 8.89 44.07
C VAL C 38 -31.09 8.31 43.39
N SER C 39 -31.14 8.16 42.06
CA SER C 39 -29.97 7.71 41.31
C SER C 39 -28.80 8.65 41.48
N LYS C 40 -29.07 9.95 41.64
CA LYS C 40 -28.02 10.93 41.86
C LYS C 40 -27.35 10.79 43.21
N ALA C 41 -27.93 9.99 44.11
CA ALA C 41 -27.31 9.65 45.38
C ALA C 41 -26.61 8.30 45.36
N ILE C 42 -27.25 7.29 44.75
CA ILE C 42 -26.58 6.02 44.53
C ILE C 42 -25.22 6.24 43.89
N GLY C 43 -25.14 7.18 42.95
CA GLY C 43 -23.90 7.51 42.29
C GLY C 43 -22.88 8.09 43.25
N LYS C 44 -23.23 9.19 43.92
CA LYS C 44 -22.33 9.80 44.90
C LYS C 44 -21.95 8.81 45.99
N ALA C 45 -22.71 7.72 46.15
CA ALA C 45 -22.35 6.68 47.10
C ALA C 45 -21.32 5.73 46.51
N ARG C 46 -21.67 5.07 45.39
CA ARG C 46 -20.71 4.19 44.74
C ARG C 46 -19.41 4.90 44.44
N MET C 47 -19.49 6.21 44.15
CA MET C 47 -18.28 6.99 43.93
C MET C 47 -17.64 7.44 45.24
N ALA C 48 -18.44 7.57 46.31
CA ALA C 48 -17.85 7.89 47.61
C ALA C 48 -16.75 6.89 47.97
N SER C 49 -17.02 5.60 47.75
CA SER C 49 -16.07 4.54 48.07
C SER C 49 -15.09 4.26 46.92
N GLY C 50 -14.85 5.23 46.05
CA GLY C 50 -13.86 5.10 44.99
C GLY C 50 -14.38 4.54 43.69
N GLY C 51 -15.53 3.86 43.70
CA GLY C 51 -16.04 3.21 42.51
C GLY C 51 -16.33 4.15 41.34
N THR C 52 -17.07 3.65 40.37
CA THR C 52 -17.35 4.37 39.12
C THR C 52 -18.69 5.10 39.20
N ARG C 53 -18.76 6.25 38.50
CA ARG C 53 -20.01 6.97 38.38
C ARG C 53 -21.12 6.08 37.84
N LEU C 54 -20.78 5.21 36.90
CA LEU C 54 -21.76 4.43 36.17
C LEU C 54 -21.56 2.94 36.42
N VAL C 55 -22.54 2.17 35.96
CA VAL C 55 -22.54 0.71 36.08
C VAL C 55 -23.27 0.17 34.85
N HIS C 56 -22.51 -0.40 33.93
CA HIS C 56 -23.06 -0.81 32.64
C HIS C 56 -24.13 -1.89 32.82
N SER C 57 -23.91 -2.83 33.75
CA SER C 57 -24.83 -3.95 33.88
C SER C 57 -26.20 -3.51 34.33
N ARG C 58 -26.29 -2.43 35.11
CA ARG C 58 -27.57 -2.01 35.67
C ARG C 58 -28.35 -1.12 34.72
N GLU C 59 -27.73 -0.05 34.22
CA GLU C 59 -28.38 0.74 33.18
C GLU C 59 -28.94 -0.17 32.10
N MET C 60 -28.28 -1.31 31.86
CA MET C 60 -28.87 -2.35 31.03
C MET C 60 -30.13 -2.90 31.68
N LYS C 61 -30.08 -3.17 32.99
CA LYS C 61 -31.25 -3.65 33.72
C LYS C 61 -32.40 -2.66 33.60
N VAL C 62 -32.13 -1.37 33.80
CA VAL C 62 -33.16 -0.33 33.68
C VAL C 62 -33.81 -0.37 32.31
N ILE C 63 -33.04 -0.71 31.28
CA ILE C 63 -33.59 -0.69 29.92
C ILE C 63 -34.50 -1.89 29.69
N GLU C 64 -34.05 -3.09 30.04
CA GLU C 64 -34.89 -4.28 29.91
C GLU C 64 -36.24 -4.04 30.58
N ARG C 65 -36.23 -3.30 31.69
CA ARG C 65 -37.44 -2.98 32.45
C ARG C 65 -38.61 -2.59 31.53
N TYR C 66 -38.44 -1.50 30.78
CA TYR C 66 -39.52 -0.90 30.03
C TYR C 66 -39.78 -1.56 28.68
N SER C 67 -39.18 -2.73 28.43
CA SER C 67 -39.46 -3.45 27.19
C SER C 67 -40.95 -3.59 26.94
N GLU C 68 -41.76 -3.65 27.99
CA GLU C 68 -43.21 -3.69 27.83
C GLU C 68 -43.66 -2.59 26.88
N LEU C 69 -43.17 -1.37 27.09
CA LEU C 69 -43.57 -0.20 26.33
C LEU C 69 -43.16 -0.27 24.86
N GLY C 70 -42.59 -1.38 24.44
CA GLY C 70 -42.22 -1.57 23.05
C GLY C 70 -40.95 -0.81 22.68
N PRO C 71 -40.70 -0.68 21.38
CA PRO C 71 -39.45 -0.04 20.94
C PRO C 71 -39.14 1.30 21.60
N ASP C 72 -40.17 2.05 22.01
CA ASP C 72 -39.92 3.36 22.62
C ASP C 72 -39.47 3.27 24.07
N GLY C 73 -39.45 2.07 24.65
CA GLY C 73 -39.08 1.95 26.05
C GLY C 73 -37.63 2.28 26.31
N LYS C 74 -36.73 1.67 25.54
CA LYS C 74 -35.29 1.92 25.68
C LYS C 74 -34.99 3.41 25.76
N ASP C 75 -35.68 4.22 24.96
CA ASP C 75 -35.40 5.64 24.90
C ASP C 75 -35.97 6.36 26.12
N LEU C 76 -37.17 5.97 26.55
CA LEU C 76 -37.67 6.43 27.86
C LEU C 76 -36.71 6.01 28.97
N ALA C 77 -36.27 4.75 28.93
CA ALA C 77 -35.30 4.26 29.90
C ALA C 77 -34.02 5.09 29.86
N ILE C 78 -33.39 5.16 28.68
CA ILE C 78 -32.15 5.92 28.54
C ILE C 78 -32.36 7.38 28.93
N LEU C 79 -33.58 7.89 28.78
CA LEU C 79 -33.85 9.27 29.19
C LEU C 79 -33.84 9.40 30.70
N LEU C 80 -34.47 8.45 31.41
CA LEU C 80 -34.42 8.45 32.87
C LEU C 80 -32.98 8.39 33.36
N LEU C 81 -32.20 7.45 32.81
CA LEU C 81 -30.81 7.29 33.23
C LEU C 81 -30.03 8.58 33.08
N ARG C 82 -30.33 9.37 32.05
CA ARG C 82 -29.61 10.63 31.86
C ARG C 82 -29.93 11.63 32.96
N LEU C 83 -31.16 11.61 33.48
CA LEU C 83 -31.50 12.51 34.58
C LEU C 83 -30.82 12.08 35.87
N GLY C 84 -30.51 10.79 36.01
CA GLY C 84 -29.83 10.30 37.19
C GLY C 84 -28.35 10.58 37.18
N ARG C 85 -27.64 9.96 36.23
CA ARG C 85 -26.18 10.08 36.16
C ARG C 85 -25.72 11.11 35.14
N GLY C 86 -26.64 11.76 34.44
CA GLY C 86 -26.28 12.91 33.64
C GLY C 86 -25.93 12.54 32.22
N ARG C 87 -25.28 13.50 31.54
CA ARG C 87 -24.73 13.29 30.21
C ARG C 87 -23.30 12.78 30.34
N LEU C 88 -23.01 11.67 29.67
CA LEU C 88 -21.68 11.07 29.76
C LEU C 88 -20.59 12.09 29.46
N GLY C 89 -19.51 12.02 30.23
CA GLY C 89 -18.34 12.84 29.98
C GLY C 89 -18.55 14.34 30.07
N HIS C 90 -19.71 14.78 30.58
CA HIS C 90 -19.97 16.20 30.75
C HIS C 90 -19.85 16.59 32.22
N PRO D 12 4.17 51.35 -52.35
CA PRO D 12 4.74 50.77 -53.57
C PRO D 12 6.16 50.26 -53.36
N GLU D 13 6.76 49.65 -54.39
CA GLU D 13 8.11 49.11 -54.35
C GLU D 13 8.20 47.86 -53.48
N ILE D 14 7.17 47.58 -52.69
CA ILE D 14 7.18 46.37 -51.86
C ILE D 14 6.98 45.13 -52.72
N ASP D 15 6.31 45.27 -53.86
CA ASP D 15 6.06 44.13 -54.71
C ASP D 15 7.32 43.62 -55.43
N THR D 16 8.44 44.34 -55.31
CA THR D 16 9.71 43.82 -55.82
C THR D 16 10.05 42.51 -55.14
N LEU D 17 10.09 42.52 -53.81
CA LEU D 17 10.46 41.33 -53.04
C LEU D 17 9.30 40.35 -52.90
N ARG D 18 8.06 40.83 -53.01
CA ARG D 18 6.94 39.90 -53.08
C ARG D 18 6.92 39.12 -54.37
N GLU D 19 7.95 39.28 -55.20
CA GLU D 19 8.24 38.34 -56.27
C GLU D 19 9.50 37.54 -56.03
N GLU D 20 10.46 38.10 -55.27
CA GLU D 20 11.57 37.31 -54.77
C GLU D 20 11.09 36.31 -53.71
N ILE D 21 10.09 36.69 -52.92
CA ILE D 21 9.42 35.72 -52.06
C ILE D 21 8.75 34.66 -52.91
N ASP D 22 7.87 35.07 -53.83
CA ASP D 22 7.17 34.12 -54.68
C ASP D 22 8.12 33.18 -55.39
N ARG D 23 9.33 33.66 -55.70
CA ARG D 23 10.34 32.83 -56.32
C ARG D 23 10.88 31.81 -55.32
N LEU D 24 11.44 32.31 -54.21
CA LEU D 24 11.99 31.44 -53.18
C LEU D 24 11.01 30.37 -52.71
N ASP D 25 9.70 30.59 -52.88
CA ASP D 25 8.73 29.65 -52.34
C ASP D 25 8.45 28.49 -53.27
N ALA D 26 8.06 28.77 -54.52
CA ALA D 26 7.90 27.68 -55.47
C ALA D 26 9.22 26.98 -55.73
N GLU D 27 10.35 27.66 -55.51
CA GLU D 27 11.65 27.01 -55.57
C GLU D 27 11.84 26.08 -54.38
N ILE D 28 11.71 26.63 -53.17
CA ILE D 28 11.70 25.80 -51.95
C ILE D 28 10.71 24.65 -52.11
N LEU D 29 9.49 24.96 -52.56
CA LEU D 29 8.49 23.93 -52.79
C LEU D 29 9.04 22.84 -53.71
N ALA D 30 9.71 23.23 -54.80
CA ALA D 30 10.24 22.25 -55.73
C ALA D 30 11.30 21.37 -55.06
N LEU D 31 12.29 21.98 -54.42
CA LEU D 31 13.28 21.19 -53.69
C LEU D 31 12.60 20.20 -52.74
N VAL D 32 11.72 20.70 -51.88
CA VAL D 32 11.03 19.84 -50.91
C VAL D 32 10.14 18.83 -51.62
N LYS D 33 9.57 19.21 -52.76
CA LYS D 33 8.82 18.23 -53.55
C LYS D 33 9.67 17.03 -53.91
N ARG D 34 10.97 17.21 -54.08
CA ARG D 34 11.88 16.13 -54.45
C ARG D 34 12.37 15.37 -53.22
N ARG D 35 12.96 16.08 -52.27
CA ARG D 35 13.53 15.46 -51.07
C ARG D 35 12.58 14.41 -50.50
N ALA D 36 11.27 14.62 -50.67
CA ALA D 36 10.29 13.65 -50.20
C ALA D 36 10.54 12.27 -50.79
N GLU D 37 10.62 12.18 -52.12
CA GLU D 37 10.80 10.88 -52.77
C GLU D 37 12.20 10.34 -52.57
N VAL D 38 13.21 11.22 -52.45
CA VAL D 38 14.56 10.75 -52.18
C VAL D 38 14.60 9.98 -50.87
N SER D 39 13.90 10.47 -49.84
CA SER D 39 13.73 9.71 -48.61
C SER D 39 12.89 8.46 -48.86
N LYS D 40 11.76 8.63 -49.55
CA LYS D 40 10.94 7.49 -49.94
C LYS D 40 11.77 6.43 -50.66
N ALA D 41 12.74 6.87 -51.47
CA ALA D 41 13.63 5.95 -52.16
C ALA D 41 14.47 5.16 -51.17
N ILE D 42 15.22 5.87 -50.32
CA ILE D 42 15.94 5.22 -49.24
C ILE D 42 14.98 4.37 -48.43
N GLY D 43 13.70 4.78 -48.38
CA GLY D 43 12.69 4.06 -47.62
C GLY D 43 12.52 2.62 -48.04
N LYS D 44 11.96 2.38 -49.22
CA LYS D 44 11.80 1.01 -49.69
C LYS D 44 13.15 0.33 -49.89
N ALA D 45 14.18 1.11 -50.24
CA ALA D 45 15.53 0.58 -50.36
C ALA D 45 15.92 -0.20 -49.12
N ARG D 46 16.28 0.51 -48.05
CA ARG D 46 16.71 -0.14 -46.82
C ARG D 46 15.73 -1.22 -46.38
N MET D 47 14.43 -0.98 -46.56
CA MET D 47 13.44 -1.98 -46.17
C MET D 47 13.42 -3.18 -47.10
N ALA D 48 13.98 -3.05 -48.31
CA ALA D 48 14.04 -4.19 -49.22
C ALA D 48 14.94 -5.30 -48.70
N SER D 49 15.77 -5.02 -47.69
CA SER D 49 16.72 -5.99 -47.14
C SER D 49 16.44 -6.24 -45.67
N GLY D 50 15.17 -6.43 -45.31
CA GLY D 50 14.83 -6.60 -43.90
C GLY D 50 15.31 -5.47 -43.04
N GLY D 51 15.27 -4.24 -43.54
CA GLY D 51 15.72 -3.08 -42.81
C GLY D 51 14.57 -2.35 -42.14
N THR D 52 14.93 -1.47 -41.21
CA THR D 52 13.94 -0.74 -40.44
C THR D 52 13.39 0.42 -41.27
N ARG D 53 12.12 0.76 -41.02
CA ARG D 53 11.51 1.89 -41.72
C ARG D 53 12.27 3.18 -41.45
N LEU D 54 12.66 3.41 -40.20
CA LEU D 54 13.35 4.63 -39.81
C LEU D 54 14.75 4.32 -39.29
N VAL D 55 15.60 5.34 -39.33
CA VAL D 55 16.92 5.28 -38.71
C VAL D 55 17.00 6.46 -37.74
N HIS D 56 17.25 6.16 -36.47
CA HIS D 56 17.06 7.15 -35.42
C HIS D 56 18.16 8.21 -35.46
N SER D 57 19.42 7.77 -35.40
CA SER D 57 20.53 8.73 -35.39
C SER D 57 20.59 9.54 -36.66
N ARG D 58 19.98 9.06 -37.75
CA ARG D 58 19.95 9.83 -39.00
C ARG D 58 18.99 11.00 -38.90
N GLU D 59 17.76 10.74 -38.45
CA GLU D 59 16.82 11.83 -38.20
C GLU D 59 17.39 12.83 -37.21
N MET D 60 18.19 12.35 -36.25
CA MET D 60 18.98 13.25 -35.42
C MET D 60 19.88 14.14 -36.29
N LYS D 61 20.49 13.56 -37.32
CA LYS D 61 21.37 14.33 -38.18
C LYS D 61 20.60 15.35 -39.01
N VAL D 62 19.43 14.97 -39.53
CA VAL D 62 18.60 15.91 -40.27
C VAL D 62 18.17 17.06 -39.36
N ILE D 63 17.73 16.74 -38.15
CA ILE D 63 17.34 17.77 -37.19
C ILE D 63 18.50 18.74 -36.95
N GLU D 64 19.71 18.21 -36.82
CA GLU D 64 20.87 19.06 -36.62
C GLU D 64 21.10 19.99 -37.81
N ARG D 65 20.77 19.53 -39.01
CA ARG D 65 21.04 20.29 -40.23
C ARG D 65 20.47 21.71 -40.14
N TYR D 66 19.19 21.81 -39.76
CA TYR D 66 18.47 23.08 -39.80
C TYR D 66 18.56 23.85 -38.49
N SER D 67 19.39 23.40 -37.55
CA SER D 67 19.51 24.10 -36.28
C SER D 67 19.88 25.57 -36.48
N GLU D 68 20.69 25.87 -37.51
CA GLU D 68 21.05 27.25 -37.78
C GLU D 68 19.84 28.16 -37.73
N LEU D 69 18.70 27.68 -38.23
CA LEU D 69 17.48 28.48 -38.29
C LEU D 69 16.97 28.87 -36.90
N GLY D 70 17.56 28.33 -35.83
CA GLY D 70 17.11 28.66 -34.50
C GLY D 70 16.24 27.58 -33.90
N PRO D 71 15.24 27.97 -33.09
CA PRO D 71 14.39 26.96 -32.46
C PRO D 71 13.41 26.33 -33.43
N ASP D 72 13.02 27.08 -34.46
CA ASP D 72 12.13 26.53 -35.49
C ASP D 72 12.85 25.57 -36.42
N GLY D 73 14.17 25.45 -36.31
CA GLY D 73 14.92 24.54 -37.15
C GLY D 73 14.48 23.10 -37.02
N LYS D 74 14.51 22.57 -35.79
CA LYS D 74 14.11 21.19 -35.57
C LYS D 74 12.71 20.90 -36.09
N ASP D 75 11.80 21.87 -36.00
CA ASP D 75 10.42 21.61 -36.39
C ASP D 75 10.22 21.69 -37.89
N LEU D 76 11.08 22.44 -38.60
CA LEU D 76 11.11 22.34 -40.06
C LEU D 76 11.71 21.00 -40.49
N ALA D 77 12.79 20.58 -39.84
CA ALA D 77 13.38 19.27 -40.09
C ALA D 77 12.34 18.17 -39.97
N ILE D 78 11.58 18.18 -38.87
CA ILE D 78 10.62 17.11 -38.59
C ILE D 78 9.50 17.09 -39.62
N LEU D 79 9.21 18.23 -40.25
CA LEU D 79 8.26 18.23 -41.37
C LEU D 79 8.83 17.48 -42.55
N LEU D 80 10.04 17.83 -42.98
CA LEU D 80 10.72 17.07 -44.03
C LEU D 80 10.70 15.58 -43.72
N LEU D 81 11.02 15.22 -42.48
CA LEU D 81 11.05 13.80 -42.11
C LEU D 81 9.68 13.16 -42.29
N ARG D 82 8.63 13.84 -41.82
CA ARG D 82 7.28 13.32 -42.02
C ARG D 82 6.96 13.23 -43.50
N LEU D 83 7.41 14.20 -44.29
CA LEU D 83 7.16 14.17 -45.73
C LEU D 83 7.89 13.00 -46.38
N GLY D 84 9.09 12.69 -45.91
CA GLY D 84 9.83 11.56 -46.43
C GLY D 84 9.30 10.23 -45.94
N ARG D 85 9.62 9.90 -44.68
CA ARG D 85 9.30 8.58 -44.13
C ARG D 85 7.91 8.53 -43.48
N GLY D 86 7.08 9.54 -43.68
CA GLY D 86 5.69 9.49 -43.26
C GLY D 86 5.48 9.66 -41.76
N ARG D 87 4.22 9.52 -41.36
CA ARG D 87 3.85 9.57 -39.96
C ARG D 87 4.07 8.22 -39.29
N LEU D 88 4.77 8.24 -38.15
CA LEU D 88 4.95 7.03 -37.36
C LEU D 88 3.62 6.31 -37.16
N GLY D 89 3.67 4.99 -37.11
CA GLY D 89 2.50 4.18 -36.81
C GLY D 89 1.43 4.20 -37.86
N HIS D 90 1.69 4.78 -39.02
CA HIS D 90 0.75 4.71 -40.14
C HIS D 90 1.49 4.19 -41.37
#